data_1UNN
#
_entry.id   1UNN
#
_cell.length_a   146.451
_cell.length_b   70.117
_cell.length_c   110.916
_cell.angle_alpha   90.00
_cell.angle_beta   90.00
_cell.angle_gamma   90.00
#
_symmetry.space_group_name_H-M   'P 21 21 2'
#
loop_
_entity.id
_entity.type
_entity.pdbx_description
1 polymer 'DNA POLYMERASE III BETA SUBUNIT'
2 polymer 'DNA POLYMERASE IV'
3 non-polymer 'SULFATE ION'
4 water water
#
loop_
_entity_poly.entity_id
_entity_poly.type
_entity_poly.pdbx_seq_one_letter_code
_entity_poly.pdbx_strand_id
1 'polypeptide(L)'
;MKFTVEREHLLKPLQQVSGPLGGRPTLPILGNLLLQVADGTLSLTGTDLEMEMVARVALVQPHEPGATTVPARKFFDICR
GLPEGAEIAVQLEGERMLVRSGRSRFSLSTLPAADFPNLDDWQSEVEFTLPQATMKRLIEATQFSMAHQDVRYYLNGMLF
ETEGEELRTVATDGHRLAVCSMPIGQSLPSHSVIVPRKGVIELMRMLDGGDNPLRVQIGSNNIRAHVGDFIFTSKLVDGR
FPDYRRVLPKNPDKHLEAGCDLLKQAFARAAILSNEKFRGVRLYVSENQLKITANNPEQEEAEEILDVTYSGAEMEIGFN
VSYVLDVLNALKCENVRMMLTDSVSSVQIEDAASQSAAYVVMPMRL
;
A,B
2 'polypeptide(L)'
;HHHHHHVGVERTMAEDIHHWSECEAIIERLYPELERRLAKVKPDLLIARQGVKLKFDDFQQTTQEHVWPRLNKADLIATA
RKTWDERRGGRGVRLVGLHVTLLDPQMERQLVLGL
;
C,D
#
loop_
_chem_comp.id
_chem_comp.type
_chem_comp.name
_chem_comp.formula
SO4 non-polymer 'SULFATE ION' 'O4 S -2'
#
# COMPACT_ATOMS: atom_id res chain seq x y z
N MET A 1 20.96 -32.47 9.68
CA MET A 1 21.23 -31.08 9.25
C MET A 1 21.13 -30.16 10.45
N LYS A 2 22.18 -29.41 10.73
CA LYS A 2 22.18 -28.46 11.83
C LYS A 2 23.06 -27.26 11.46
N PHE A 3 22.68 -26.08 11.92
CA PHE A 3 23.59 -24.96 11.81
C PHE A 3 23.15 -23.98 12.81
N THR A 4 24.05 -23.02 13.03
CA THR A 4 23.75 -21.94 13.93
C THR A 4 24.32 -20.73 13.27
N VAL A 5 23.45 -19.77 13.01
CA VAL A 5 23.82 -18.56 12.30
C VAL A 5 23.19 -17.40 12.98
N GLU A 6 23.91 -16.28 13.02
CA GLU A 6 23.35 -15.15 13.69
C GLU A 6 22.29 -14.48 12.77
N ARG A 7 21.31 -13.88 13.43
CA ARG A 7 20.07 -13.47 12.74
C ARG A 7 20.42 -12.66 11.46
N GLU A 8 21.32 -11.71 11.64
CA GLU A 8 21.49 -10.79 10.56
C GLU A 8 22.13 -11.41 9.33
N HIS A 9 22.79 -12.57 9.45
CA HIS A 9 23.34 -13.23 8.27
C HIS A 9 22.30 -13.98 7.56
N LEU A 10 21.13 -14.10 8.16
CA LEU A 10 20.07 -14.80 7.48
C LEU A 10 19.10 -13.90 6.85
N LEU A 11 18.81 -12.75 7.43
CA LEU A 11 17.66 -11.98 6.96
C LEU A 11 17.69 -11.62 5.44
N LYS A 12 18.64 -10.80 4.98
CA LYS A 12 18.72 -10.55 3.52
C LYS A 12 18.67 -11.82 2.66
N PRO A 13 19.52 -12.81 2.88
CA PRO A 13 19.40 -14.07 2.14
C PRO A 13 17.98 -14.62 2.11
N LEU A 14 17.30 -14.76 3.24
CA LEU A 14 15.90 -15.20 3.24
C LEU A 14 14.98 -14.28 2.42
N GLN A 15 15.20 -12.96 2.52
CA GLN A 15 14.38 -12.00 1.75
C GLN A 15 14.58 -12.27 0.27
N GLN A 16 15.83 -12.46 -0.10
CA GLN A 16 16.15 -12.65 -1.48
C GLN A 16 15.61 -13.96 -2.05
N VAL A 17 15.73 -15.07 -1.34
CA VAL A 17 15.29 -16.33 -1.96
C VAL A 17 13.75 -16.40 -1.91
N SER A 18 13.13 -15.62 -1.03
CA SER A 18 11.67 -15.51 -1.03
C SER A 18 11.11 -14.64 -2.20
N GLY A 19 11.98 -14.01 -2.96
CA GLY A 19 11.53 -13.23 -4.10
C GLY A 19 10.62 -13.99 -5.04
N PRO A 20 11.06 -15.13 -5.61
CA PRO A 20 10.27 -15.85 -6.61
C PRO A 20 8.95 -16.42 -6.06
N LEU A 21 8.78 -16.42 -4.72
CA LEU A 21 7.66 -17.12 -4.10
C LEU A 21 6.29 -16.45 -4.14
N GLY A 22 6.27 -15.13 -4.31
CA GLY A 22 5.02 -14.35 -4.23
C GLY A 22 3.68 -15.08 -4.03
N GLY A 23 3.00 -14.76 -2.93
CA GLY A 23 1.54 -14.87 -2.82
C GLY A 23 0.98 -16.23 -2.43
N ARG A 24 0.25 -16.87 -3.37
CA ARG A 24 -0.40 -18.16 -3.05
C ARG A 24 0.10 -19.32 -3.89
N PRO A 25 1.02 -20.10 -3.30
CA PRO A 25 1.71 -21.19 -3.98
C PRO A 25 0.71 -22.24 -4.46
N THR A 26 1.18 -22.97 -5.45
CA THR A 26 0.33 -23.81 -6.27
C THR A 26 0.50 -25.26 -5.79
N LEU A 27 1.74 -25.66 -5.58
CA LEU A 27 2.05 -26.75 -4.69
C LEU A 27 2.67 -26.17 -3.43
N PRO A 28 2.38 -26.82 -2.30
CA PRO A 28 3.04 -26.57 -1.02
C PRO A 28 4.56 -26.40 -1.13
N ILE A 29 5.26 -27.33 -1.75
CA ILE A 29 6.71 -27.17 -1.67
C ILE A 29 7.21 -25.81 -2.24
N LEU A 30 6.44 -25.25 -3.16
CA LEU A 30 6.86 -24.02 -3.85
C LEU A 30 6.77 -22.85 -2.89
N GLY A 31 6.09 -23.07 -1.76
CA GLY A 31 6.01 -22.06 -0.70
C GLY A 31 7.12 -22.22 0.36
N ASN A 32 8.02 -23.16 0.08
CA ASN A 32 9.11 -23.53 0.96
C ASN A 32 10.41 -23.14 0.39
N LEU A 33 11.39 -23.07 1.25
CA LEU A 33 12.76 -22.87 0.86
C LEU A 33 13.46 -24.14 1.05
N LEU A 34 14.31 -24.47 0.08
CA LEU A 34 15.27 -25.53 0.26
C LEU A 34 16.50 -25.05 1.05
N LEU A 35 16.81 -25.73 2.15
CA LEU A 35 18.02 -25.35 2.93
C LEU A 35 18.89 -26.51 2.84
N GLN A 36 20.17 -26.32 2.60
CA GLN A 36 21.14 -27.40 2.52
C GLN A 36 22.41 -26.93 3.14
N VAL A 37 22.90 -27.73 4.08
CA VAL A 37 24.15 -27.49 4.70
C VAL A 37 25.08 -28.44 3.96
N ALA A 38 26.19 -27.95 3.44
CA ALA A 38 27.23 -28.79 2.76
C ALA A 38 28.56 -28.15 3.08
N ASP A 39 29.53 -28.89 3.56
CA ASP A 39 30.73 -28.16 3.88
C ASP A 39 30.54 -27.01 4.91
N GLY A 40 31.24 -25.89 4.72
CA GLY A 40 31.00 -24.71 5.54
C GLY A 40 29.94 -23.78 4.94
N THR A 41 28.97 -24.33 4.23
CA THR A 41 27.99 -23.49 3.58
C THR A 41 26.53 -23.89 3.72
N LEU A 42 25.68 -22.94 4.15
CA LEU A 42 24.24 -23.11 4.09
C LEU A 42 23.75 -22.48 2.75
N SER A 43 23.06 -23.27 1.94
CA SER A 43 22.36 -22.79 0.74
C SER A 43 20.89 -22.68 0.99
N LEU A 44 20.32 -21.53 0.66
CA LEU A 44 18.90 -21.35 0.65
C LEU A 44 18.39 -21.11 -0.78
N THR A 45 17.32 -21.83 -1.15
CA THR A 45 16.77 -21.64 -2.50
C THR A 45 15.28 -21.54 -2.46
N GLY A 46 14.78 -20.66 -3.30
CA GLY A 46 13.37 -20.37 -3.40
C GLY A 46 13.10 -20.49 -4.89
N THR A 47 11.92 -21.00 -5.24
CA THR A 47 11.63 -21.11 -6.66
C THR A 47 10.14 -21.03 -6.97
N ASP A 48 9.81 -20.77 -8.22
CA ASP A 48 8.42 -20.87 -8.65
C ASP A 48 8.48 -21.79 -9.86
N LEU A 49 9.56 -22.58 -9.98
CA LEU A 49 9.76 -23.51 -11.11
C LEU A 49 10.13 -22.82 -12.44
N GLU A 50 9.76 -21.56 -12.61
CA GLU A 50 10.17 -20.85 -13.82
C GLU A 50 11.56 -20.28 -13.50
N MET A 51 11.75 -19.94 -12.24
CA MET A 51 13.03 -19.34 -11.92
C MET A 51 13.40 -19.66 -10.52
N GLU A 52 14.68 -19.45 -10.13
CA GLU A 52 15.03 -19.76 -8.74
C GLU A 52 16.02 -18.76 -8.27
N MET A 53 16.02 -18.52 -6.96
CA MET A 53 17.05 -17.68 -6.36
C MET A 53 17.77 -18.52 -5.29
N VAL A 54 19.10 -18.53 -5.28
CA VAL A 54 19.83 -19.34 -4.36
C VAL A 54 20.72 -18.36 -3.60
N ALA A 55 20.80 -18.52 -2.29
CA ALA A 55 21.71 -17.66 -1.50
C ALA A 55 22.63 -18.53 -0.71
N ARG A 56 23.91 -18.14 -0.59
CA ARG A 56 24.79 -19.00 0.14
C ARG A 56 25.28 -18.23 1.30
N VAL A 57 25.31 -18.90 2.46
CA VAL A 57 25.76 -18.25 3.69
C VAL A 57 26.88 -19.09 4.27
N ALA A 58 28.03 -18.46 4.58
CA ALA A 58 29.13 -19.19 5.18
C ALA A 58 28.73 -19.59 6.56
N LEU A 59 29.10 -20.78 6.99
CA LEU A 59 28.81 -21.22 8.34
C LEU A 59 30.14 -21.29 9.08
N VAL A 60 30.32 -20.34 9.99
CA VAL A 60 31.56 -20.20 10.78
C VAL A 60 31.35 -21.05 12.04
N GLN A 61 30.09 -21.20 12.42
CA GLN A 61 29.70 -21.98 13.62
C GLN A 61 29.47 -23.43 13.29
N PRO A 62 29.48 -24.28 14.32
CA PRO A 62 29.38 -25.75 14.12
C PRO A 62 28.10 -26.13 13.39
N HIS A 63 28.24 -27.08 12.46
CA HIS A 63 27.14 -27.40 11.53
C HIS A 63 27.22 -28.87 11.23
N GLU A 64 26.08 -29.44 10.81
CA GLU A 64 26.06 -30.78 10.28
C GLU A 64 25.35 -30.71 8.99
N PRO A 65 25.83 -31.47 8.02
CA PRO A 65 25.24 -31.48 6.67
C PRO A 65 23.86 -32.13 6.53
N GLY A 66 23.12 -31.73 5.51
CA GLY A 66 21.82 -32.32 5.25
C GLY A 66 21.01 -31.26 4.55
N ALA A 67 19.77 -31.57 4.24
CA ALA A 67 18.95 -30.66 3.51
C ALA A 67 17.52 -30.98 3.76
N THR A 68 16.70 -29.94 3.66
CA THR A 68 15.30 -30.07 3.88
C THR A 68 14.58 -28.86 3.29
N THR A 69 13.25 -28.81 3.29
CA THR A 69 12.61 -27.60 2.92
C THR A 69 11.66 -27.22 4.01
N VAL A 70 11.47 -25.90 4.17
CA VAL A 70 10.56 -25.32 5.19
C VAL A 70 9.83 -24.16 4.65
N PRO A 71 8.69 -23.85 5.23
CA PRO A 71 7.90 -22.71 4.74
C PRO A 71 8.65 -21.43 4.80
N ALA A 72 8.78 -20.77 3.65
CA ALA A 72 9.70 -19.65 3.46
C ALA A 72 9.27 -18.46 4.31
N ARG A 73 7.96 -18.08 4.32
CA ARG A 73 7.60 -16.87 5.01
C ARG A 73 7.63 -17.06 6.52
N LYS A 74 7.18 -18.23 6.98
CA LYS A 74 7.21 -18.48 8.41
C LYS A 74 8.69 -18.48 8.87
N PHE A 75 9.60 -19.09 8.10
CA PHE A 75 10.94 -19.20 8.57
C PHE A 75 11.54 -17.80 8.57
N PHE A 76 11.20 -17.04 7.55
CA PHE A 76 11.64 -15.65 7.54
C PHE A 76 11.11 -14.83 8.66
N ASP A 77 9.80 -14.94 8.95
CA ASP A 77 9.22 -14.12 9.99
C ASP A 77 9.72 -14.46 11.36
N ILE A 78 9.99 -15.77 11.54
CA ILE A 78 10.66 -16.16 12.75
C ILE A 78 12.03 -15.47 12.90
N CYS A 79 12.84 -15.55 11.88
CA CYS A 79 14.17 -15.01 12.07
C CYS A 79 14.06 -13.47 12.19
N ARG A 80 13.13 -12.87 11.49
CA ARG A 80 13.04 -11.41 11.54
C ARG A 80 12.49 -11.00 12.92
N GLY A 81 11.64 -11.86 13.51
CA GLY A 81 10.98 -11.53 14.73
C GLY A 81 11.88 -11.71 15.93
N LEU A 82 12.96 -12.47 15.71
CA LEU A 82 13.91 -12.68 16.84
C LEU A 82 14.68 -11.38 17.05
N PRO A 83 15.24 -11.17 18.25
CA PRO A 83 15.94 -9.91 18.56
C PRO A 83 17.17 -9.71 17.65
N GLU A 84 17.49 -8.45 17.42
CA GLU A 84 18.67 -8.18 16.61
C GLU A 84 19.87 -8.84 17.35
N GLY A 85 20.73 -9.42 16.54
CA GLY A 85 21.88 -10.18 16.94
C GLY A 85 21.63 -11.57 17.42
N ALA A 86 20.40 -12.09 17.36
CA ALA A 86 20.14 -13.44 17.94
C ALA A 86 20.88 -14.49 17.17
N GLU A 87 21.29 -15.52 17.86
CA GLU A 87 21.90 -16.68 17.23
C GLU A 87 20.77 -17.64 17.06
N ILE A 88 20.60 -18.11 15.86
CA ILE A 88 19.46 -18.89 15.54
C ILE A 88 20.01 -20.28 15.32
N ALA A 89 19.63 -21.21 16.17
CA ALA A 89 20.10 -22.61 16.01
C ALA A 89 19.04 -23.40 15.27
N VAL A 90 19.39 -24.12 14.21
CA VAL A 90 18.46 -24.86 13.41
C VAL A 90 18.89 -26.33 13.35
N GLN A 91 17.92 -27.25 13.53
CA GLN A 91 18.25 -28.63 13.32
C GLN A 91 17.09 -29.35 12.83
N LEU A 92 17.32 -30.23 11.88
CA LEU A 92 16.25 -31.03 11.38
C LEU A 92 15.95 -32.23 12.31
N GLU A 93 14.66 -32.43 12.57
CA GLU A 93 14.31 -33.45 13.56
C GLU A 93 13.11 -34.18 12.98
N GLY A 94 13.42 -35.25 12.26
CA GLY A 94 12.40 -36.00 11.56
C GLY A 94 11.70 -35.14 10.49
N GLU A 95 10.40 -35.05 10.52
CA GLU A 95 9.68 -34.21 9.60
C GLU A 95 9.84 -32.83 10.28
N ARG A 96 9.17 -31.80 10.07
CA ARG A 96 9.84 -30.83 11.24
C ARG A 96 11.35 -30.25 11.54
N MET A 97 11.49 -28.95 11.40
CA MET A 97 12.79 -28.32 11.55
C MET A 97 12.64 -27.47 12.77
N LEU A 98 13.54 -27.65 13.73
CA LEU A 98 13.53 -26.92 14.95
C LEU A 98 14.36 -25.67 14.80
N VAL A 99 13.84 -24.56 15.30
CA VAL A 99 14.61 -23.33 15.23
C VAL A 99 14.60 -22.82 16.60
N ARG A 100 15.76 -22.54 17.20
CA ARG A 100 15.76 -22.18 18.61
C ARG A 100 16.69 -20.97 18.76
N SER A 101 16.29 -20.07 19.63
CA SER A 101 17.11 -18.87 19.90
C SER A 101 16.66 -18.30 21.22
N GLY A 102 17.61 -18.09 22.14
CA GLY A 102 17.31 -17.64 23.49
C GLY A 102 16.34 -18.66 24.08
N ARG A 103 15.20 -18.15 24.59
CA ARG A 103 14.12 -18.95 25.16
C ARG A 103 12.98 -19.03 24.10
N SER A 104 13.27 -18.89 22.82
CA SER A 104 12.20 -19.06 21.85
C SER A 104 12.41 -20.39 21.12
N ARG A 105 11.33 -21.13 20.84
CA ARG A 105 11.51 -22.40 20.09
C ARG A 105 10.43 -22.48 19.06
N PHE A 106 10.79 -22.96 17.87
CA PHE A 106 9.83 -23.13 16.84
C PHE A 106 10.06 -24.49 16.23
N SER A 107 8.99 -25.10 15.82
CA SER A 107 9.04 -26.31 15.03
C SER A 107 8.27 -26.06 13.74
N LEU A 108 8.92 -26.17 12.60
CA LEU A 108 8.25 -25.94 11.30
C LEU A 108 8.12 -27.18 10.53
N SER A 109 7.02 -27.28 9.80
CA SER A 109 6.76 -28.40 8.91
C SER A 109 7.81 -28.38 7.85
N THR A 110 8.18 -29.57 7.34
CA THR A 110 9.14 -29.66 6.26
C THR A 110 8.49 -30.40 5.13
N LEU A 111 9.09 -30.27 3.95
CA LEU A 111 8.87 -31.19 2.86
C LEU A 111 10.26 -31.68 2.43
N PRO A 112 10.37 -32.92 1.95
CA PRO A 112 11.72 -33.51 1.77
C PRO A 112 12.52 -32.77 0.70
N ALA A 113 13.83 -32.58 0.95
CA ALA A 113 14.70 -31.86 0.04
C ALA A 113 14.65 -32.55 -1.33
N ALA A 114 15.06 -33.81 -1.37
CA ALA A 114 14.86 -34.69 -2.52
C ALA A 114 13.41 -34.64 -2.99
N ASP A 115 12.96 -33.60 -3.71
CA ASP A 115 11.54 -33.30 -3.97
C ASP A 115 11.39 -31.83 -4.33
N PHE A 116 12.36 -31.05 -3.89
CA PHE A 116 12.39 -29.66 -4.31
C PHE A 116 12.78 -29.70 -5.78
N PRO A 117 12.14 -28.85 -6.59
CA PRO A 117 12.43 -28.80 -8.03
C PRO A 117 13.76 -28.13 -8.28
N ASN A 118 14.64 -28.81 -9.04
CA ASN A 118 15.87 -28.15 -9.54
C ASN A 118 15.79 -27.70 -11.01
N LEU A 119 15.96 -26.41 -11.24
CA LEU A 119 16.25 -25.90 -12.56
C LEU A 119 17.55 -26.54 -13.07
N ASP A 120 17.46 -27.84 -13.42
CA ASP A 120 18.64 -28.71 -13.72
C ASP A 120 19.60 -28.09 -14.75
N ASP A 121 20.86 -28.47 -14.66
CA ASP A 121 21.88 -27.58 -15.17
C ASP A 121 22.28 -27.70 -16.66
N TRP A 122 23.15 -26.79 -17.12
CA TRP A 122 23.16 -26.41 -18.52
C TRP A 122 24.41 -25.60 -18.83
N GLN A 123 24.55 -25.17 -20.06
CA GLN A 123 25.82 -24.65 -20.51
C GLN A 123 25.75 -23.21 -20.99
N SER A 124 26.35 -22.31 -20.23
CA SER A 124 26.44 -20.92 -20.67
C SER A 124 27.06 -20.82 -22.09
N GLU A 125 26.57 -19.88 -22.87
CA GLU A 125 26.96 -19.73 -24.25
C GLU A 125 27.60 -18.36 -24.35
N VAL A 126 27.26 -17.54 -23.36
CA VAL A 126 27.65 -16.17 -23.27
C VAL A 126 27.81 -15.94 -21.78
N GLU A 127 28.94 -15.36 -21.40
CA GLU A 127 29.19 -15.04 -20.01
C GLU A 127 29.68 -13.61 -20.12
N PHE A 128 29.30 -12.73 -19.19
CA PHE A 128 29.89 -11.39 -19.16
C PHE A 128 29.50 -10.77 -17.83
N THR A 129 30.19 -9.69 -17.44
CA THR A 129 29.93 -9.00 -16.18
C THR A 129 29.67 -7.57 -16.50
N LEU A 130 28.85 -6.95 -15.67
CA LEU A 130 28.64 -5.55 -15.83
C LEU A 130 28.24 -5.09 -14.48
N PRO A 131 28.29 -3.78 -14.29
CA PRO A 131 27.78 -3.18 -13.09
C PRO A 131 26.31 -3.47 -12.86
N GLN A 132 25.93 -3.70 -11.61
CA GLN A 132 24.52 -3.91 -11.28
C GLN A 132 23.71 -2.70 -11.72
N ALA A 133 24.23 -1.48 -11.54
CA ALA A 133 23.45 -0.29 -11.89
C ALA A 133 23.19 -0.24 -13.39
N THR A 134 24.05 -0.82 -14.20
CA THR A 134 23.91 -0.82 -15.65
C THR A 134 22.77 -1.74 -16.03
N MET A 135 22.74 -2.93 -15.42
CA MET A 135 21.66 -3.86 -15.71
C MET A 135 20.40 -3.24 -15.27
N LYS A 136 20.44 -2.61 -14.08
CA LYS A 136 19.23 -1.96 -13.53
C LYS A 136 18.74 -0.88 -14.50
N ARG A 137 19.65 -0.05 -15.03
CA ARG A 137 19.28 0.99 -16.02
C ARG A 137 18.63 0.29 -17.22
N LEU A 138 19.24 -0.75 -17.74
CA LEU A 138 18.66 -1.37 -18.94
C LEU A 138 17.27 -1.86 -18.74
N ILE A 139 17.05 -2.47 -17.60
CA ILE A 139 15.79 -3.06 -17.33
C ILE A 139 14.79 -2.00 -17.02
N GLU A 140 15.18 -1.01 -16.19
CA GLU A 140 14.23 0.05 -15.80
C GLU A 140 13.76 0.85 -16.98
N ALA A 141 14.65 0.97 -17.95
CA ALA A 141 14.39 1.72 -19.13
C ALA A 141 13.30 1.12 -20.00
N THR A 142 13.05 -0.18 -19.88
CA THR A 142 12.17 -0.83 -20.86
C THR A 142 11.07 -1.65 -20.23
N GLN A 143 11.16 -1.93 -18.92
CA GLN A 143 10.36 -3.01 -18.31
C GLN A 143 8.88 -2.65 -18.38
N PHE A 144 8.59 -1.36 -18.31
CA PHE A 144 7.21 -0.95 -18.34
C PHE A 144 6.53 -1.30 -19.66
N SER A 145 7.33 -1.45 -20.74
CA SER A 145 6.73 -1.75 -22.05
C SER A 145 6.55 -3.19 -22.33
N MET A 146 6.89 -4.07 -21.39
CA MET A 146 6.61 -5.49 -21.59
C MET A 146 5.11 -5.79 -21.59
N ALA A 147 4.67 -6.75 -22.36
CA ALA A 147 3.24 -7.11 -22.36
C ALA A 147 3.06 -7.94 -21.05
N HIS A 148 1.83 -8.08 -20.61
CA HIS A 148 1.69 -8.82 -19.36
C HIS A 148 1.22 -10.27 -19.60
N GLN A 149 0.10 -10.31 -20.33
CA GLN A 149 -0.60 -11.63 -20.60
C GLN A 149 -1.04 -11.61 -22.03
N ASP A 150 -0.22 -11.03 -22.90
CA ASP A 150 -0.52 -11.23 -24.35
C ASP A 150 -0.50 -12.74 -24.71
N VAL A 151 -1.43 -13.21 -25.55
CA VAL A 151 -1.31 -14.58 -26.06
C VAL A 151 0.01 -14.74 -26.75
N ARG A 152 0.60 -13.65 -27.25
CA ARG A 152 1.89 -13.82 -27.92
C ARG A 152 2.88 -13.84 -26.76
N TYR A 153 3.15 -15.04 -26.24
CA TYR A 153 3.83 -15.25 -24.97
C TYR A 153 5.22 -14.61 -25.04
N TYR A 154 5.79 -14.48 -26.20
CA TYR A 154 7.19 -13.99 -26.28
C TYR A 154 7.20 -12.49 -26.09
N LEU A 155 6.02 -11.84 -26.10
CA LEU A 155 5.93 -10.41 -25.71
C LEU A 155 5.90 -10.19 -24.17
N ASN A 156 5.59 -11.23 -23.40
CA ASN A 156 5.47 -11.06 -21.95
C ASN A 156 6.85 -11.24 -21.29
N GLY A 157 7.78 -10.40 -21.66
CA GLY A 157 9.11 -10.63 -21.18
C GLY A 157 9.91 -9.63 -21.94
N MET A 158 11.22 -9.74 -21.83
CA MET A 158 12.03 -8.67 -22.29
C MET A 158 13.12 -9.29 -23.14
N LEU A 159 13.46 -8.70 -24.25
CA LEU A 159 14.46 -9.33 -25.09
C LEU A 159 15.80 -8.78 -24.54
N PHE A 160 16.82 -9.62 -24.43
CA PHE A 160 18.18 -9.17 -24.05
C PHE A 160 18.98 -9.55 -25.23
N GLU A 161 19.65 -8.58 -25.81
CA GLU A 161 20.31 -8.78 -27.04
C GLU A 161 21.76 -8.27 -26.81
N THR A 162 22.79 -9.12 -26.97
CA THR A 162 24.18 -8.58 -26.99
C THR A 162 24.51 -8.42 -28.45
N GLU A 163 24.88 -7.19 -28.85
CA GLU A 163 25.53 -6.82 -30.14
C GLU A 163 26.88 -6.04 -29.90
N GLY A 164 27.99 -6.49 -30.50
CA GLY A 164 29.18 -5.66 -30.41
C GLY A 164 29.60 -5.59 -28.97
N GLU A 165 29.72 -4.43 -28.37
CA GLU A 165 30.06 -4.46 -26.93
C GLU A 165 28.88 -3.97 -26.10
N GLU A 166 27.69 -4.05 -26.72
CA GLU A 166 26.53 -3.46 -26.10
C GLU A 166 25.58 -4.52 -25.69
N LEU A 167 24.92 -4.26 -24.58
CA LEU A 167 23.79 -5.06 -24.20
C LEU A 167 22.53 -4.16 -24.37
N ARG A 168 21.46 -4.72 -24.90
CA ARG A 168 20.30 -3.94 -25.29
C ARG A 168 19.09 -4.72 -24.79
N THR A 169 18.09 -4.01 -24.23
CA THR A 169 16.87 -4.66 -23.85
C THR A 169 15.81 -4.05 -24.69
N VAL A 170 14.83 -4.86 -25.00
CA VAL A 170 13.76 -4.39 -25.83
C VAL A 170 12.48 -4.99 -25.18
N ALA A 171 11.43 -4.17 -25.13
CA ALA A 171 10.16 -4.66 -24.70
C ALA A 171 9.07 -3.99 -25.47
N THR A 172 7.99 -4.77 -25.70
CA THR A 172 6.88 -4.15 -26.36
C THR A 172 5.60 -4.92 -25.98
N ASP A 173 4.48 -4.24 -26.05
CA ASP A 173 3.27 -4.93 -25.77
C ASP A 173 2.34 -4.62 -26.92
N GLY A 174 2.87 -4.22 -28.05
CA GLY A 174 1.96 -4.03 -29.20
C GLY A 174 1.44 -2.54 -29.29
N HIS A 175 1.44 -1.81 -28.17
CA HIS A 175 1.02 -0.42 -28.22
C HIS A 175 2.20 0.48 -28.19
N ARG A 176 3.23 0.04 -27.51
CA ARG A 176 4.46 0.84 -27.44
C ARG A 176 5.68 -0.09 -27.38
N LEU A 177 6.85 0.49 -27.59
CA LEU A 177 8.06 -0.31 -27.52
C LEU A 177 9.09 0.54 -26.83
N ALA A 178 10.01 -0.12 -26.12
CA ALA A 178 11.09 0.58 -25.44
C ALA A 178 12.36 -0.18 -25.84
N VAL A 179 13.43 0.53 -26.05
CA VAL A 179 14.68 -0.19 -26.33
C VAL A 179 15.74 0.56 -25.55
N CYS A 180 16.71 -0.12 -24.94
CA CYS A 180 17.75 0.67 -24.31
C CYS A 180 18.99 -0.06 -24.57
N SER A 181 20.12 0.63 -24.71
CA SER A 181 21.25 -0.21 -24.99
C SER A 181 22.38 0.45 -24.22
N MET A 182 23.32 -0.37 -23.78
CA MET A 182 24.41 0.19 -23.05
C MET A 182 25.71 -0.53 -23.26
N PRO A 183 26.85 0.17 -23.26
CA PRO A 183 28.13 -0.49 -23.53
C PRO A 183 28.57 -1.29 -22.34
N ILE A 184 29.03 -2.49 -22.60
CA ILE A 184 29.43 -3.27 -21.44
C ILE A 184 30.96 -3.34 -21.38
N GLY A 185 31.64 -2.87 -22.41
CA GLY A 185 33.09 -2.74 -22.32
C GLY A 185 33.85 -4.04 -22.47
N GLN A 186 33.22 -4.94 -23.21
CA GLN A 186 33.62 -6.33 -23.32
C GLN A 186 33.06 -6.72 -24.67
N SER A 187 33.85 -7.43 -25.45
CA SER A 187 33.34 -7.86 -26.73
C SER A 187 32.50 -9.09 -26.43
N LEU A 188 31.34 -9.14 -27.05
CA LEU A 188 30.26 -10.05 -26.70
C LEU A 188 29.81 -10.67 -27.98
N PRO A 189 29.38 -11.92 -27.91
CA PRO A 189 28.85 -12.60 -29.11
C PRO A 189 27.42 -12.12 -29.43
N SER A 190 27.06 -11.90 -30.71
CA SER A 190 25.68 -11.54 -31.01
C SER A 190 24.74 -12.66 -30.59
N HIS A 191 23.83 -12.36 -29.64
CA HIS A 191 22.93 -13.34 -29.00
C HIS A 191 21.72 -12.61 -28.46
N SER A 192 20.57 -13.29 -28.46
CA SER A 192 19.44 -12.62 -27.88
C SER A 192 18.51 -13.65 -27.33
N VAL A 193 17.95 -13.35 -26.19
CA VAL A 193 17.11 -14.29 -25.51
C VAL A 193 15.96 -13.45 -25.00
N ILE A 194 14.90 -14.16 -24.61
CA ILE A 194 13.75 -13.50 -24.01
C ILE A 194 13.61 -13.96 -22.60
N VAL A 195 13.72 -13.02 -21.68
CA VAL A 195 13.55 -13.32 -20.24
C VAL A 195 12.10 -13.06 -19.91
N PRO A 196 11.44 -14.03 -19.30
CA PRO A 196 10.03 -13.87 -18.93
C PRO A 196 9.88 -12.70 -17.99
N ARG A 197 8.68 -12.08 -18.03
CA ARG A 197 8.57 -10.77 -17.37
C ARG A 197 8.77 -11.00 -15.88
N LYS A 198 8.32 -12.13 -15.34
CA LYS A 198 8.56 -12.29 -13.89
C LYS A 198 10.04 -12.49 -13.52
N GLY A 199 10.79 -13.11 -14.44
CA GLY A 199 12.23 -13.23 -14.28
C GLY A 199 12.89 -11.86 -14.34
N VAL A 200 12.38 -10.94 -15.19
CA VAL A 200 12.95 -9.61 -15.29
C VAL A 200 12.67 -8.87 -13.99
N ILE A 201 11.48 -8.98 -13.48
CA ILE A 201 11.10 -8.34 -12.21
C ILE A 201 11.99 -8.85 -11.06
N GLU A 202 12.17 -10.15 -10.99
CA GLU A 202 12.99 -10.76 -9.98
C GLU A 202 14.38 -10.29 -10.14
N LEU A 203 14.91 -10.31 -11.35
CA LEU A 203 16.28 -9.86 -11.51
C LEU A 203 16.46 -8.47 -10.97
N MET A 204 15.48 -7.61 -11.25
CA MET A 204 15.40 -6.31 -10.58
C MET A 204 15.28 -6.37 -9.03
N ARG A 205 14.41 -7.20 -8.45
CA ARG A 205 14.48 -7.39 -6.98
C ARG A 205 15.93 -7.51 -6.50
N MET A 206 16.74 -8.18 -7.31
CA MET A 206 18.01 -8.72 -6.90
C MET A 206 19.03 -7.62 -6.87
N LEU A 207 18.92 -6.70 -7.80
CA LEU A 207 19.93 -5.72 -8.01
C LEU A 207 19.77 -4.63 -6.96
N ASP A 208 20.92 -4.18 -6.46
CA ASP A 208 21.08 -3.36 -5.24
C ASP A 208 22.25 -2.43 -5.56
N GLY A 209 22.27 -1.22 -4.99
CA GLY A 209 23.36 -0.29 -5.26
C GLY A 209 24.66 -1.00 -5.65
N GLY A 210 25.10 -1.84 -4.72
CA GLY A 210 26.10 -2.86 -4.96
C GLY A 210 27.47 -2.40 -5.37
N ASP A 211 28.38 -2.61 -4.43
CA ASP A 211 29.78 -2.89 -4.70
C ASP A 211 29.89 -3.97 -5.82
N ASN A 212 29.27 -5.15 -5.61
CA ASN A 212 29.52 -6.35 -6.46
C ASN A 212 29.06 -6.23 -7.90
N PRO A 213 29.84 -6.71 -8.88
CA PRO A 213 29.40 -6.72 -10.26
C PRO A 213 28.34 -7.81 -10.45
N LEU A 214 27.71 -7.77 -11.59
CA LEU A 214 26.75 -8.83 -11.95
C LEU A 214 27.42 -9.72 -12.96
N ARG A 215 27.41 -11.03 -12.75
CA ARG A 215 27.93 -11.96 -13.79
C ARG A 215 26.71 -12.57 -14.34
N VAL A 216 26.63 -12.65 -15.66
CA VAL A 216 25.44 -13.14 -16.33
C VAL A 216 25.92 -14.28 -17.19
N GLN A 217 25.22 -15.39 -17.13
CA GLN A 217 25.48 -16.52 -17.96
C GLN A 217 24.23 -16.74 -18.75
N ILE A 218 24.37 -16.85 -20.05
CA ILE A 218 23.26 -17.17 -20.91
C ILE A 218 23.47 -18.51 -21.54
N GLY A 219 22.50 -19.38 -21.23
CA GLY A 219 22.35 -20.72 -21.76
C GLY A 219 21.40 -20.70 -22.93
N SER A 220 21.16 -21.89 -23.44
CA SER A 220 20.23 -22.17 -24.52
C SER A 220 18.82 -21.78 -24.10
N ASN A 221 18.52 -22.11 -22.86
CA ASN A 221 17.14 -22.02 -22.37
C ASN A 221 17.08 -21.43 -20.98
N ASN A 222 18.18 -20.87 -20.51
CA ASN A 222 18.25 -20.25 -19.19
C ASN A 222 19.19 -19.06 -19.17
N ILE A 223 18.96 -18.18 -18.19
CA ILE A 223 19.85 -17.08 -17.91
C ILE A 223 20.13 -17.23 -16.40
N ARG A 224 21.37 -16.94 -16.04
CA ARG A 224 21.82 -16.94 -14.68
C ARG A 224 22.50 -15.61 -14.37
N ALA A 225 22.20 -15.02 -13.22
CA ALA A 225 22.81 -13.75 -12.81
C ALA A 225 23.39 -14.07 -11.43
N HIS A 226 24.70 -13.81 -11.25
CA HIS A 226 25.34 -14.02 -9.97
C HIS A 226 25.74 -12.64 -9.48
N VAL A 227 25.36 -12.29 -8.26
CA VAL A 227 25.80 -11.07 -7.61
C VAL A 227 26.17 -11.48 -6.17
N GLY A 228 27.42 -11.29 -5.77
CA GLY A 228 27.84 -11.72 -4.44
C GLY A 228 27.43 -13.17 -4.15
N ASP A 229 26.67 -13.38 -3.08
CA ASP A 229 26.45 -14.76 -2.71
C ASP A 229 25.05 -15.13 -3.10
N PHE A 230 24.52 -14.53 -4.18
CA PHE A 230 23.18 -14.85 -4.65
C PHE A 230 23.27 -15.24 -6.09
N ILE A 231 22.44 -16.21 -6.51
CA ILE A 231 22.53 -16.73 -7.87
C ILE A 231 21.08 -16.84 -8.22
N PHE A 232 20.70 -16.01 -9.18
CA PHE A 232 19.41 -16.08 -9.80
C PHE A 232 19.41 -16.85 -11.15
N THR A 233 18.42 -17.71 -11.36
CA THR A 233 18.33 -18.41 -12.59
C THR A 233 16.92 -18.31 -13.07
N SER A 234 16.75 -18.08 -14.38
CA SER A 234 15.41 -18.14 -14.92
C SER A 234 15.41 -18.98 -16.22
N LYS A 235 14.32 -19.65 -16.54
CA LYS A 235 14.16 -20.14 -17.87
C LYS A 235 13.99 -18.96 -18.80
N LEU A 236 14.27 -19.16 -20.07
CA LEU A 236 14.07 -18.18 -21.09
C LEU A 236 12.79 -18.49 -21.80
N VAL A 237 12.24 -17.51 -22.52
CA VAL A 237 10.96 -17.87 -23.24
C VAL A 237 11.41 -18.35 -24.60
N ASP A 238 10.87 -19.49 -25.07
CA ASP A 238 11.35 -20.05 -26.30
C ASP A 238 10.36 -19.59 -27.33
N GLY A 239 10.65 -18.46 -27.98
CA GLY A 239 9.83 -17.93 -29.03
C GLY A 239 10.60 -16.91 -29.85
N ARG A 240 10.08 -16.49 -30.97
CA ARG A 240 10.78 -15.45 -31.74
C ARG A 240 10.30 -14.01 -31.38
N PHE A 241 11.19 -13.21 -30.83
CA PHE A 241 10.81 -11.84 -30.53
C PHE A 241 10.68 -11.04 -31.83
N PRO A 242 9.72 -10.13 -31.91
CA PRO A 242 9.53 -9.36 -33.15
C PRO A 242 10.74 -8.50 -33.41
N ASP A 243 10.98 -8.26 -34.66
CA ASP A 243 12.06 -7.36 -34.95
C ASP A 243 11.63 -5.91 -34.70
N TYR A 244 12.18 -5.32 -33.63
CA TYR A 244 11.94 -3.91 -33.17
C TYR A 244 12.21 -2.94 -34.35
N ARG A 245 13.11 -3.30 -35.24
CA ARG A 245 13.44 -2.31 -36.29
C ARG A 245 12.26 -2.03 -37.16
N ARG A 246 11.45 -3.05 -37.40
CA ARG A 246 10.40 -2.83 -38.36
C ARG A 246 9.27 -1.95 -37.81
N VAL A 247 9.33 -1.74 -36.51
CA VAL A 247 8.27 -0.92 -35.96
C VAL A 247 8.66 0.52 -35.65
N LEU A 248 9.95 0.83 -35.72
CA LEU A 248 10.38 2.21 -35.72
C LEU A 248 9.76 3.01 -36.83
N PRO A 249 9.36 4.24 -36.53
CA PRO A 249 8.80 5.13 -37.52
C PRO A 249 9.82 5.23 -38.66
N LYS A 250 9.36 5.06 -39.88
CA LYS A 250 10.22 5.02 -41.05
C LYS A 250 10.73 6.42 -41.37
N ASN A 251 9.86 7.35 -41.50
CA ASN A 251 10.50 8.60 -41.81
C ASN A 251 9.86 9.74 -41.05
N PRO A 252 10.30 9.88 -39.81
CA PRO A 252 9.75 10.91 -38.95
C PRO A 252 10.32 12.20 -39.52
N ASP A 253 9.47 13.04 -40.09
CA ASP A 253 10.03 14.24 -40.69
C ASP A 253 9.73 15.45 -39.79
N LYS A 254 9.06 15.19 -38.67
CA LYS A 254 8.67 16.27 -37.82
C LYS A 254 9.42 16.00 -36.54
N HIS A 255 10.03 17.02 -35.99
CA HIS A 255 10.84 16.79 -34.79
C HIS A 255 10.46 17.81 -33.80
N LEU A 256 10.09 17.39 -32.58
CA LEU A 256 9.66 18.33 -31.57
C LEU A 256 10.68 18.21 -30.41
N GLU A 257 11.21 19.28 -29.84
CA GLU A 257 11.90 19.04 -28.57
C GLU A 257 11.20 19.79 -27.48
N ALA A 258 11.19 19.23 -26.25
CA ALA A 258 10.50 19.91 -25.15
C ALA A 258 11.22 19.61 -23.89
N GLY A 259 11.01 20.46 -22.88
CA GLY A 259 11.48 20.08 -21.56
C GLY A 259 10.74 18.92 -21.00
N CYS A 260 11.45 17.90 -20.51
CA CYS A 260 10.88 16.66 -20.13
C CYS A 260 9.90 16.85 -18.96
N ASP A 261 10.34 17.64 -18.00
CA ASP A 261 9.47 17.78 -16.81
C ASP A 261 8.27 18.65 -17.09
N LEU A 262 8.44 19.75 -17.82
CA LEU A 262 7.28 20.53 -18.06
C LEU A 262 6.27 19.74 -18.92
N LEU A 263 6.82 18.97 -19.87
CA LEU A 263 5.95 18.08 -20.67
C LEU A 263 5.22 17.08 -19.83
N LYS A 264 5.92 16.40 -18.94
CA LYS A 264 5.29 15.43 -18.15
C LYS A 264 4.24 16.11 -17.28
N GLN A 265 4.56 17.24 -16.70
CA GLN A 265 3.53 17.73 -15.77
C GLN A 265 2.27 18.19 -16.54
N ALA A 266 2.46 18.71 -17.73
CA ALA A 266 1.32 19.12 -18.55
C ALA A 266 0.46 17.95 -18.95
N PHE A 267 1.11 16.86 -19.33
CA PHE A 267 0.33 15.65 -19.58
C PHE A 267 -0.33 15.15 -18.35
N ALA A 268 0.38 15.17 -17.22
CA ALA A 268 -0.18 14.64 -16.00
C ALA A 268 -1.40 15.48 -15.59
N ARG A 269 -1.39 16.77 -15.83
CA ARG A 269 -2.62 17.46 -15.41
C ARG A 269 -3.71 17.19 -16.44
N ALA A 270 -3.35 17.18 -17.72
CA ALA A 270 -4.43 16.91 -18.74
C ALA A 270 -4.99 15.59 -18.45
N ALA A 271 -4.16 14.63 -18.04
CA ALA A 271 -4.66 13.26 -17.83
C ALA A 271 -5.83 13.21 -16.81
N ILE A 272 -5.84 14.17 -15.87
CA ILE A 272 -6.89 14.22 -14.83
C ILE A 272 -8.25 14.24 -15.51
N LEU A 273 -8.39 14.93 -16.64
CA LEU A 273 -9.73 14.98 -17.25
C LEU A 273 -9.79 14.13 -18.53
N SER A 274 -8.88 13.17 -18.64
CA SER A 274 -8.98 12.21 -19.73
C SER A 274 -9.96 11.13 -19.30
N ASN A 275 -10.45 10.46 -20.31
CA ASN A 275 -11.35 9.32 -20.12
C ASN A 275 -10.66 8.29 -19.24
N GLU A 276 -11.37 7.89 -18.15
CA GLU A 276 -10.68 7.01 -17.19
C GLU A 276 -10.28 5.70 -17.76
N LYS A 277 -11.10 5.19 -18.71
CA LYS A 277 -10.76 3.95 -19.37
C LYS A 277 -9.76 4.12 -20.53
N PHE A 278 -9.98 5.12 -21.38
CA PHE A 278 -9.23 5.15 -22.65
C PHE A 278 -8.05 6.13 -22.65
N ARG A 279 -8.09 7.05 -21.69
CA ARG A 279 -6.95 7.89 -21.39
C ARG A 279 -6.47 8.74 -22.57
N GLY A 280 -7.38 9.06 -23.49
CA GLY A 280 -6.98 9.75 -24.72
C GLY A 280 -6.69 11.21 -24.42
N VAL A 281 -5.56 11.68 -25.00
CA VAL A 281 -5.31 13.11 -24.98
C VAL A 281 -4.95 13.49 -26.45
N ARG A 282 -5.14 14.76 -26.77
CA ARG A 282 -4.84 15.16 -28.14
C ARG A 282 -3.72 16.14 -28.08
N LEU A 283 -2.79 16.02 -29.01
CA LEU A 283 -1.63 16.88 -28.97
C LEU A 283 -1.71 17.64 -30.29
N TYR A 284 -1.54 18.97 -30.23
CA TYR A 284 -1.58 19.73 -31.46
C TYR A 284 -0.26 20.40 -31.55
N VAL A 285 0.48 20.13 -32.63
CA VAL A 285 1.81 20.72 -32.69
C VAL A 285 1.77 21.84 -33.68
N SER A 286 2.44 22.96 -33.39
CA SER A 286 2.48 24.03 -34.37
C SER A 286 3.71 24.82 -33.95
N GLU A 287 3.91 25.97 -34.58
CA GLU A 287 5.26 26.50 -34.57
C GLU A 287 5.59 26.79 -33.14
N ASN A 288 6.66 26.16 -32.67
CA ASN A 288 7.18 26.26 -31.30
C ASN A 288 6.08 26.16 -30.25
N GLN A 289 5.07 25.35 -30.52
CA GLN A 289 4.09 25.21 -29.47
C GLN A 289 3.51 23.83 -29.48
N LEU A 290 3.16 23.34 -28.29
CA LEU A 290 2.43 22.12 -28.24
C LEU A 290 1.19 22.46 -27.40
N LYS A 291 0.04 22.00 -27.85
CA LYS A 291 -1.16 22.14 -27.04
C LYS A 291 -1.65 20.73 -26.74
N ILE A 292 -2.02 20.46 -25.47
CA ILE A 292 -2.48 19.13 -25.12
C ILE A 292 -3.88 19.34 -24.65
N THR A 293 -4.79 18.50 -25.12
CA THR A 293 -6.13 18.70 -24.57
C THR A 293 -6.65 17.35 -24.09
N ALA A 294 -7.62 17.37 -23.20
CA ALA A 294 -8.19 16.08 -22.81
C ALA A 294 -9.65 16.45 -22.54
N ASN A 295 -10.56 15.54 -22.80
CA ASN A 295 -11.93 15.82 -22.37
C ASN A 295 -12.52 14.43 -22.06
N ASN A 296 -13.53 14.39 -21.18
CA ASN A 296 -13.93 13.06 -20.76
C ASN A 296 -15.46 12.95 -21.00
N PRO A 297 -16.01 11.76 -20.72
CA PRO A 297 -17.45 11.54 -20.92
C PRO A 297 -18.29 12.46 -20.09
N GLU A 298 -17.72 12.94 -18.99
CA GLU A 298 -18.44 13.90 -18.13
C GLU A 298 -18.41 15.29 -18.68
N GLN A 299 -17.81 15.47 -19.86
CA GLN A 299 -17.85 16.80 -20.47
C GLN A 299 -17.06 17.78 -19.63
N GLU A 300 -15.92 17.30 -19.13
CA GLU A 300 -14.93 18.22 -18.57
C GLU A 300 -13.84 18.32 -19.56
N GLU A 301 -12.96 19.34 -19.45
CA GLU A 301 -11.88 19.33 -20.42
C GLU A 301 -10.71 20.05 -19.80
N ALA A 302 -9.55 19.76 -20.36
CA ALA A 302 -8.33 20.41 -19.92
C ALA A 302 -7.62 20.86 -21.14
N GLU A 303 -6.81 21.91 -21.01
CA GLU A 303 -5.97 22.27 -22.15
C GLU A 303 -4.69 22.74 -21.52
N GLU A 304 -3.58 22.36 -22.13
CA GLU A 304 -2.30 22.89 -21.60
C GLU A 304 -1.59 23.39 -22.84
N ILE A 305 -0.87 24.52 -22.73
CA ILE A 305 -0.11 24.96 -23.84
C ILE A 305 1.34 25.05 -23.33
N LEU A 306 2.25 24.63 -24.16
CA LEU A 306 3.67 24.60 -23.78
C LEU A 306 4.41 25.21 -24.90
N ASP A 307 5.50 25.90 -24.57
CA ASP A 307 6.44 26.30 -25.66
C ASP A 307 7.33 25.09 -25.89
N VAL A 308 7.62 24.81 -27.14
CA VAL A 308 8.49 23.70 -27.42
C VAL A 308 9.32 24.21 -28.61
N THR A 309 10.31 23.44 -29.01
CA THR A 309 10.92 23.70 -30.29
C THR A 309 10.35 22.81 -31.34
N TYR A 310 9.71 23.42 -32.29
CA TYR A 310 9.15 22.73 -33.37
C TYR A 310 8.99 23.73 -34.56
N SER A 311 9.47 23.33 -35.74
CA SER A 311 9.24 24.17 -36.94
C SER A 311 8.51 23.46 -38.07
N GLY A 312 8.02 22.25 -37.81
CA GLY A 312 7.37 21.44 -38.83
C GLY A 312 5.93 21.91 -39.10
N ALA A 313 5.25 21.18 -39.97
CA ALA A 313 3.89 21.50 -40.38
C ALA A 313 3.00 21.18 -39.17
N GLU A 314 1.85 21.81 -39.15
CA GLU A 314 0.93 21.59 -38.03
C GLU A 314 0.32 20.23 -38.08
N MET A 315 0.09 19.61 -36.90
CA MET A 315 -0.52 18.34 -36.94
C MET A 315 -1.15 18.06 -35.57
N GLU A 316 -2.11 17.13 -35.56
CA GLU A 316 -2.73 16.74 -34.30
C GLU A 316 -2.60 15.22 -34.23
N ILE A 317 -2.36 14.70 -33.03
CA ILE A 317 -2.25 13.28 -32.91
C ILE A 317 -2.75 12.97 -31.53
N GLY A 318 -3.37 11.81 -31.37
CA GLY A 318 -3.91 11.44 -30.09
C GLY A 318 -3.08 10.37 -29.51
N PHE A 319 -3.01 10.37 -28.19
CA PHE A 319 -2.26 9.31 -27.51
C PHE A 319 -2.94 8.94 -26.20
N ASN A 320 -2.72 7.71 -25.82
CA ASN A 320 -3.05 7.28 -24.44
C ASN A 320 -2.02 8.01 -23.53
N VAL A 321 -2.52 8.89 -22.66
CA VAL A 321 -1.63 9.69 -21.92
C VAL A 321 -0.76 8.90 -20.96
N SER A 322 -1.23 7.78 -20.47
CA SER A 322 -0.44 7.04 -19.48
C SER A 322 0.77 6.41 -20.31
N TYR A 323 0.59 6.06 -21.61
CA TYR A 323 1.79 5.59 -22.33
C TYR A 323 2.77 6.71 -22.44
N VAL A 324 2.29 7.92 -22.67
CA VAL A 324 3.30 9.00 -22.88
C VAL A 324 3.96 9.30 -21.58
N LEU A 325 3.20 9.29 -20.51
CA LEU A 325 3.81 9.59 -19.19
C LEU A 325 4.85 8.54 -18.82
N ASP A 326 4.60 7.29 -19.21
CA ASP A 326 5.45 6.18 -18.86
C ASP A 326 6.78 6.44 -19.48
N VAL A 327 6.74 6.92 -20.72
CA VAL A 327 8.01 7.16 -21.42
C VAL A 327 8.71 8.33 -20.78
N LEU A 328 7.94 9.38 -20.47
CA LEU A 328 8.61 10.51 -19.91
C LEU A 328 9.22 10.19 -18.52
N ASN A 329 8.54 9.35 -17.77
CA ASN A 329 9.04 8.94 -16.41
C ASN A 329 10.23 8.07 -16.57
N ALA A 330 10.26 7.32 -17.66
CA ALA A 330 11.47 6.48 -17.97
C ALA A 330 12.66 7.30 -18.43
N LEU A 331 12.44 8.43 -19.09
CA LEU A 331 13.55 9.18 -19.66
C LEU A 331 14.15 10.07 -18.56
N LYS A 332 13.30 10.71 -17.76
CA LYS A 332 13.75 11.51 -16.62
C LYS A 332 14.99 12.32 -16.95
N CYS A 333 14.98 13.06 -18.04
CA CYS A 333 16.15 13.79 -18.43
C CYS A 333 15.69 15.23 -18.60
N GLU A 334 16.50 16.03 -19.22
CA GLU A 334 16.19 17.44 -19.29
C GLU A 334 15.24 17.79 -20.42
N ASN A 335 15.55 17.34 -21.59
CA ASN A 335 14.74 17.60 -22.75
C ASN A 335 14.49 16.28 -23.45
N VAL A 336 13.36 16.22 -24.14
CA VAL A 336 12.97 15.03 -24.85
C VAL A 336 12.84 15.50 -26.30
N ARG A 337 13.04 14.58 -27.23
CA ARG A 337 12.75 14.82 -28.64
C ARG A 337 11.68 13.83 -29.04
N MET A 338 10.66 14.31 -29.73
CA MET A 338 9.64 13.41 -30.26
C MET A 338 9.70 13.54 -31.79
N MET A 339 9.71 12.42 -32.48
CA MET A 339 9.80 12.46 -33.90
C MET A 339 8.51 11.91 -34.42
N LEU A 340 7.83 12.70 -35.22
CA LEU A 340 6.50 12.28 -35.66
C LEU A 340 6.46 12.20 -37.17
N THR A 341 5.36 11.59 -37.60
CA THR A 341 5.06 11.50 -39.00
C THR A 341 3.71 12.05 -39.28
N ASP A 342 2.66 11.36 -38.84
CA ASP A 342 1.34 11.88 -39.05
C ASP A 342 0.48 11.30 -37.94
N SER A 343 -0.78 11.65 -37.95
CA SER A 343 -1.66 11.34 -36.86
C SER A 343 -1.92 9.86 -36.67
N VAL A 344 -1.60 9.01 -37.66
CA VAL A 344 -1.95 7.61 -37.47
C VAL A 344 -0.71 6.77 -37.37
N SER A 345 0.46 7.39 -37.25
CA SER A 345 1.67 6.66 -37.20
C SER A 345 2.35 6.83 -35.83
N SER A 346 3.17 5.88 -35.46
CA SER A 346 3.83 5.88 -34.20
C SER A 346 4.82 7.05 -34.09
N VAL A 347 5.11 7.41 -32.86
CA VAL A 347 6.11 8.42 -32.62
C VAL A 347 7.25 7.83 -31.89
N GLN A 348 8.42 8.45 -32.04
CA GLN A 348 9.54 7.89 -31.39
C GLN A 348 9.93 9.00 -30.46
N ILE A 349 10.28 8.59 -29.23
CA ILE A 349 10.59 9.59 -28.22
C ILE A 349 11.93 9.22 -27.67
N GLU A 350 12.79 10.22 -27.56
CA GLU A 350 14.06 9.93 -26.88
C GLU A 350 14.50 11.12 -26.05
N ASP A 351 15.46 10.90 -25.19
CA ASP A 351 16.23 12.00 -24.56
C ASP A 351 16.92 12.77 -25.66
N ALA A 352 16.76 14.08 -25.63
CA ALA A 352 17.30 14.91 -26.71
C ALA A 352 18.81 14.85 -26.69
N ALA A 353 19.35 14.39 -25.55
CA ALA A 353 20.80 14.47 -25.36
C ALA A 353 21.42 13.08 -25.10
N SER A 354 20.67 12.00 -25.41
CA SER A 354 21.23 10.67 -25.19
C SER A 354 20.64 9.72 -26.21
N GLN A 355 21.41 8.77 -26.69
CA GLN A 355 20.85 7.77 -27.58
C GLN A 355 20.71 6.40 -26.92
N SER A 356 20.90 6.34 -25.61
CA SER A 356 20.87 5.09 -24.86
C SER A 356 19.48 4.38 -24.99
N ALA A 357 18.38 5.16 -24.92
CA ALA A 357 17.05 4.57 -24.95
C ALA A 357 16.19 5.22 -25.96
N ALA A 358 15.23 4.49 -26.50
CA ALA A 358 14.31 5.07 -27.42
C ALA A 358 12.94 4.40 -27.19
N TYR A 359 11.87 5.10 -27.52
CA TYR A 359 10.55 4.61 -27.24
C TYR A 359 9.74 4.91 -28.41
N VAL A 360 8.82 3.97 -28.72
CA VAL A 360 7.95 4.14 -29.88
C VAL A 360 6.52 3.94 -29.30
N VAL A 361 5.61 4.87 -29.53
CA VAL A 361 4.30 4.74 -28.99
C VAL A 361 3.34 4.87 -30.13
N MET A 362 2.37 3.96 -30.18
CA MET A 362 1.44 4.04 -31.25
C MET A 362 0.37 5.02 -30.79
N PRO A 363 -0.16 5.85 -31.69
CA PRO A 363 -1.23 6.77 -31.25
C PRO A 363 -2.58 6.15 -31.13
N MET A 364 -3.51 6.98 -30.66
CA MET A 364 -4.93 6.62 -30.68
C MET A 364 -5.58 7.33 -31.79
N ARG A 365 -6.69 6.82 -32.35
CA ARG A 365 -7.32 7.53 -33.44
C ARG A 365 -7.99 8.77 -32.90
N LEU A 366 -7.93 9.85 -33.69
CA LEU A 366 -8.52 11.10 -33.28
C LEU A 366 -10.05 11.05 -33.41
N MET B 1 -19.35 33.33 -9.06
CA MET B 1 -18.45 32.99 -7.90
C MET B 1 -17.07 33.00 -8.56
N LYS B 2 -16.18 33.79 -8.01
CA LYS B 2 -14.85 33.93 -8.63
C LYS B 2 -13.83 34.01 -7.55
N PHE B 3 -12.65 33.40 -7.73
CA PHE B 3 -11.65 33.69 -6.77
C PHE B 3 -10.34 33.39 -7.42
N THR B 4 -9.27 33.95 -6.88
CA THR B 4 -7.89 33.47 -7.30
C THR B 4 -7.11 33.22 -6.01
N VAL B 5 -6.48 32.05 -5.85
CA VAL B 5 -5.76 31.77 -4.63
C VAL B 5 -4.51 31.07 -5.02
N GLU B 6 -3.46 31.32 -4.25
CA GLU B 6 -2.21 30.70 -4.57
C GLU B 6 -2.28 29.29 -4.15
N ARG B 7 -1.68 28.43 -4.93
CA ARG B 7 -1.84 26.93 -4.87
C ARG B 7 -1.63 26.42 -3.48
N GLU B 8 -0.57 26.90 -2.80
CA GLU B 8 -0.32 26.28 -1.46
C GLU B 8 -1.28 26.71 -0.37
N HIS B 9 -2.12 27.72 -0.62
CA HIS B 9 -3.14 28.06 0.36
C HIS B 9 -4.36 27.18 0.17
N LEU B 10 -4.46 26.54 -1.01
CA LEU B 10 -5.61 25.72 -1.28
C LEU B 10 -5.35 24.28 -1.01
N LEU B 11 -4.09 23.84 -1.13
CA LEU B 11 -3.89 22.35 -1.01
C LEU B 11 -4.29 21.65 0.29
N LYS B 12 -3.84 22.12 1.43
CA LYS B 12 -4.15 21.36 2.65
C LYS B 12 -5.64 21.42 2.91
N PRO B 13 -6.29 22.57 2.77
CA PRO B 13 -7.75 22.64 2.96
C PRO B 13 -8.43 21.69 2.03
N LEU B 14 -7.96 21.61 0.77
CA LEU B 14 -8.59 20.63 -0.11
C LEU B 14 -8.39 19.17 0.33
N GLN B 15 -7.21 18.79 0.76
CA GLN B 15 -7.04 17.44 1.32
C GLN B 15 -7.88 17.22 2.55
N GLN B 16 -7.85 18.17 3.45
CA GLN B 16 -8.66 18.02 4.64
C GLN B 16 -10.13 17.84 4.30
N VAL B 17 -10.69 18.59 3.35
CA VAL B 17 -12.15 18.50 3.22
C VAL B 17 -12.54 17.29 2.38
N SER B 18 -11.57 16.77 1.65
CA SER B 18 -11.75 15.59 0.80
C SER B 18 -11.05 14.50 1.52
N GLY B 19 -11.83 13.80 2.32
CA GLY B 19 -11.45 13.48 3.71
C GLY B 19 -12.61 12.65 4.27
N PRO B 20 -13.78 13.26 4.50
CA PRO B 20 -15.04 12.46 4.59
C PRO B 20 -15.49 11.77 3.26
N LEU B 21 -14.73 11.98 2.17
CA LEU B 21 -15.16 11.52 0.85
C LEU B 21 -14.77 10.08 0.53
N GLY B 22 -14.52 9.29 1.56
CA GLY B 22 -14.24 7.86 1.43
C GLY B 22 -14.87 7.08 0.27
N GLY B 23 -14.04 6.17 -0.28
CA GLY B 23 -14.38 5.26 -1.38
C GLY B 23 -15.00 5.92 -2.61
N ARG B 24 -15.87 5.16 -3.28
CA ARG B 24 -16.76 5.63 -4.33
C ARG B 24 -18.01 6.17 -3.63
N PRO B 25 -18.60 7.26 -4.14
CA PRO B 25 -19.78 7.87 -3.49
C PRO B 25 -21.04 7.23 -4.01
N THR B 26 -22.13 7.46 -3.29
CA THR B 26 -23.38 6.82 -3.61
C THR B 26 -24.26 7.75 -4.38
N LEU B 27 -24.18 9.02 -4.01
CA LEU B 27 -24.80 10.10 -4.72
C LEU B 27 -23.65 10.91 -5.25
N PRO B 28 -23.75 11.32 -6.49
CA PRO B 28 -22.70 12.12 -7.14
C PRO B 28 -22.29 13.37 -6.29
N ILE B 29 -23.24 14.07 -5.70
CA ILE B 29 -22.80 15.29 -5.02
C ILE B 29 -21.88 14.95 -3.87
N LEU B 30 -21.88 13.69 -3.46
CA LEU B 30 -21.14 13.41 -2.25
C LEU B 30 -19.66 13.29 -2.59
N GLY B 31 -19.36 13.17 -3.89
CA GLY B 31 -17.96 13.09 -4.27
C GLY B 31 -17.49 14.50 -4.59
N ASN B 32 -18.34 15.48 -4.35
CA ASN B 32 -17.99 16.91 -4.63
C ASN B 32 -17.67 17.69 -3.37
N LEU B 33 -16.95 18.78 -3.52
CA LEU B 33 -16.76 19.77 -2.47
C LEU B 33 -17.61 20.88 -2.77
N LEU B 34 -18.21 21.40 -1.74
CA LEU B 34 -18.89 22.62 -1.89
C LEU B 34 -17.90 23.79 -1.75
N LEU B 35 -17.90 24.75 -2.66
CA LEU B 35 -16.99 25.89 -2.56
C LEU B 35 -17.93 27.07 -2.39
N GLN B 36 -17.66 27.96 -1.45
CA GLN B 36 -18.49 29.17 -1.31
C GLN B 36 -17.62 30.31 -1.09
N VAL B 37 -17.81 31.36 -1.86
CA VAL B 37 -17.08 32.58 -1.66
C VAL B 37 -18.16 33.51 -0.98
N ALA B 38 -17.79 34.06 0.17
CA ALA B 38 -18.66 35.03 0.88
C ALA B 38 -17.72 35.94 1.63
N ASP B 39 -17.96 37.25 1.56
CA ASP B 39 -16.97 38.16 2.10
C ASP B 39 -15.60 37.96 1.49
N GLY B 40 -14.59 37.85 2.36
CA GLY B 40 -13.25 37.60 1.97
C GLY B 40 -12.85 36.20 2.32
N THR B 41 -13.81 35.25 2.33
CA THR B 41 -13.50 33.87 2.65
C THR B 41 -13.98 32.90 1.60
N LEU B 42 -13.11 31.96 1.27
CA LEU B 42 -13.58 30.81 0.55
C LEU B 42 -13.78 29.66 1.53
N SER B 43 -14.96 29.06 1.55
CA SER B 43 -15.14 27.86 2.29
C SER B 43 -15.23 26.64 1.40
N LEU B 44 -14.68 25.54 1.85
CA LEU B 44 -14.70 24.28 1.09
C LEU B 44 -15.31 23.29 2.08
N THR B 45 -16.33 22.52 1.65
CA THR B 45 -16.99 21.56 2.56
C THR B 45 -17.06 20.21 1.89
N GLY B 46 -16.62 19.11 2.56
CA GLY B 46 -16.75 17.73 2.08
C GLY B 46 -17.72 17.05 3.06
N THR B 47 -18.61 16.17 2.54
CA THR B 47 -19.53 15.56 3.43
C THR B 47 -19.79 14.09 2.99
N ASP B 48 -20.13 13.22 3.98
CA ASP B 48 -20.71 11.92 3.54
C ASP B 48 -22.09 11.77 4.15
N LEU B 49 -22.69 12.91 4.45
CA LEU B 49 -23.97 13.05 5.07
C LEU B 49 -23.97 12.70 6.60
N GLU B 50 -23.01 11.93 7.06
CA GLU B 50 -23.00 11.64 8.48
C GLU B 50 -22.09 12.68 9.15
N MET B 51 -21.15 13.19 8.39
CA MET B 51 -20.19 14.17 9.01
C MET B 51 -19.73 15.11 7.89
N GLU B 52 -19.02 16.17 8.25
CA GLU B 52 -18.65 17.05 7.19
C GLU B 52 -17.43 17.73 7.73
N MET B 53 -16.62 18.13 6.80
CA MET B 53 -15.40 18.89 7.17
C MET B 53 -15.41 20.17 6.37
N VAL B 54 -15.12 21.32 7.01
CA VAL B 54 -15.27 22.61 6.31
C VAL B 54 -13.93 23.26 6.54
N ALA B 55 -13.32 23.78 5.48
CA ALA B 55 -12.11 24.64 5.65
C ALA B 55 -12.38 26.05 5.19
N ARG B 56 -11.72 27.06 5.79
CA ARG B 56 -11.94 28.44 5.39
C ARG B 56 -10.62 28.87 4.86
N VAL B 57 -10.63 29.58 3.74
CA VAL B 57 -9.37 30.11 3.21
C VAL B 57 -9.63 31.57 3.02
N ALA B 58 -8.73 32.44 3.54
CA ALA B 58 -8.87 33.86 3.42
C ALA B 58 -8.60 34.19 1.99
N LEU B 59 -9.40 35.06 1.39
CA LEU B 59 -9.09 35.50 0.02
C LEU B 59 -8.51 36.91 0.00
N VAL B 60 -7.23 37.05 -0.35
CA VAL B 60 -6.60 38.40 -0.30
C VAL B 60 -6.67 39.02 -1.68
N GLN B 61 -6.79 38.14 -2.67
CA GLN B 61 -6.96 38.49 -4.06
C GLN B 61 -8.43 38.77 -4.40
N PRO B 62 -8.69 39.52 -5.51
CA PRO B 62 -10.07 39.81 -5.96
C PRO B 62 -10.96 38.60 -6.07
N HIS B 63 -12.24 38.76 -5.73
CA HIS B 63 -13.14 37.63 -5.73
C HIS B 63 -14.55 38.13 -5.84
N GLU B 64 -15.45 37.17 -6.12
CA GLU B 64 -16.89 37.41 -6.29
C GLU B 64 -17.62 36.32 -5.62
N PRO B 65 -18.69 36.71 -4.90
CA PRO B 65 -19.32 35.73 -4.04
C PRO B 65 -20.08 34.76 -4.92
N GLY B 66 -20.36 33.63 -4.33
CA GLY B 66 -21.17 32.58 -4.89
C GLY B 66 -20.76 31.21 -4.44
N ALA B 67 -21.40 30.21 -4.99
CA ALA B 67 -21.11 28.91 -4.52
C ALA B 67 -21.42 27.89 -5.58
N THR B 68 -20.75 26.73 -5.51
CA THR B 68 -21.07 25.62 -6.38
C THR B 68 -20.34 24.46 -5.76
N THR B 69 -20.49 23.30 -6.35
CA THR B 69 -19.77 22.10 -5.95
C THR B 69 -19.05 21.52 -7.10
N VAL B 70 -17.91 20.91 -6.81
CA VAL B 70 -17.11 20.35 -7.87
C VAL B 70 -16.55 19.05 -7.40
N PRO B 71 -16.24 18.18 -8.33
CA PRO B 71 -15.65 16.88 -7.99
C PRO B 71 -14.37 17.13 -7.15
N ALA B 72 -14.32 16.54 -5.96
CA ALA B 72 -13.28 16.89 -5.00
C ALA B 72 -11.91 16.42 -5.48
N ARG B 73 -11.77 15.13 -5.81
CA ARG B 73 -10.47 14.64 -6.17
C ARG B 73 -9.91 15.30 -7.44
N LYS B 74 -10.75 15.50 -8.43
CA LYS B 74 -10.17 16.12 -9.63
C LYS B 74 -9.75 17.55 -9.33
N PHE B 75 -10.54 18.30 -8.59
CA PHE B 75 -10.15 19.67 -8.25
C PHE B 75 -8.86 19.71 -7.48
N PHE B 76 -8.74 18.79 -6.50
CA PHE B 76 -7.45 18.71 -5.79
C PHE B 76 -6.33 18.31 -6.72
N ASP B 77 -6.54 17.31 -7.57
CA ASP B 77 -5.44 16.79 -8.39
C ASP B 77 -5.02 17.83 -9.38
N ILE B 78 -5.98 18.67 -9.78
CA ILE B 78 -5.50 19.76 -10.68
C ILE B 78 -4.65 20.77 -9.97
N CYS B 79 -5.16 21.19 -8.82
CA CYS B 79 -4.41 22.14 -8.00
C CYS B 79 -3.04 21.59 -7.63
N ARG B 80 -3.03 20.31 -7.18
CA ARG B 80 -1.74 19.73 -6.85
C ARG B 80 -0.78 19.59 -8.01
N GLY B 81 -1.33 19.37 -9.19
CA GLY B 81 -0.50 19.08 -10.35
C GLY B 81 0.00 20.36 -10.94
N LEU B 82 -0.56 21.50 -10.57
CA LEU B 82 0.02 22.80 -10.99
C LEU B 82 1.38 23.02 -10.28
N PRO B 83 2.24 23.80 -10.88
CA PRO B 83 3.60 24.01 -10.32
C PRO B 83 3.47 24.74 -8.97
N GLU B 84 4.38 24.41 -8.05
CA GLU B 84 4.50 25.21 -6.80
C GLU B 84 4.42 26.70 -7.10
N GLY B 85 3.66 27.40 -6.29
CA GLY B 85 3.53 28.83 -6.41
C GLY B 85 2.49 29.27 -7.41
N ALA B 86 1.78 28.32 -8.06
CA ALA B 86 0.86 28.74 -9.14
C ALA B 86 -0.30 29.62 -8.53
N GLU B 87 -0.82 30.57 -9.28
CA GLU B 87 -1.99 31.36 -8.85
C GLU B 87 -3.15 30.69 -9.55
N ILE B 88 -4.10 30.20 -8.76
CA ILE B 88 -5.18 29.46 -9.35
C ILE B 88 -6.45 30.32 -9.41
N ALA B 89 -6.88 30.59 -10.63
CA ALA B 89 -8.06 31.43 -10.85
C ALA B 89 -9.26 30.52 -11.10
N VAL B 90 -10.32 30.71 -10.34
CA VAL B 90 -11.45 29.85 -10.42
C VAL B 90 -12.66 30.72 -10.72
N GLN B 91 -13.47 30.26 -11.67
CA GLN B 91 -14.69 30.98 -11.80
C GLN B 91 -15.75 30.10 -12.28
N LEU B 92 -16.90 30.32 -11.73
CA LEU B 92 -18.04 29.51 -12.11
C LEU B 92 -18.67 30.08 -13.38
N GLU B 93 -18.95 29.24 -14.37
CA GLU B 93 -19.42 29.73 -15.64
C GLU B 93 -20.52 28.69 -15.99
N GLY B 94 -21.73 29.00 -15.54
CA GLY B 94 -22.87 28.11 -15.74
C GLY B 94 -22.73 26.80 -15.06
N GLU B 95 -22.88 25.70 -15.73
CA GLU B 95 -22.75 24.44 -15.02
C GLU B 95 -21.32 23.90 -14.96
N ARG B 96 -20.36 24.76 -15.36
CA ARG B 96 -18.98 24.36 -15.23
C ARG B 96 -18.15 25.36 -14.43
N MET B 97 -17.11 24.80 -13.76
CA MET B 97 -16.27 25.67 -13.05
C MET B 97 -14.91 25.64 -13.82
N LEU B 98 -14.49 26.80 -14.21
CA LEU B 98 -13.23 27.00 -14.89
C LEU B 98 -12.08 27.22 -13.90
N VAL B 99 -10.99 26.53 -14.15
CA VAL B 99 -9.84 26.72 -13.22
C VAL B 99 -8.72 27.05 -14.20
N ARG B 100 -7.98 28.13 -13.98
CA ARG B 100 -6.97 28.54 -14.93
C ARG B 100 -5.77 28.96 -14.16
N SER B 101 -4.59 28.59 -14.68
CA SER B 101 -3.40 29.07 -14.05
C SER B 101 -2.37 28.95 -15.12
N GLY B 102 -1.62 29.98 -15.35
CA GLY B 102 -0.60 29.86 -16.39
C GLY B 102 -1.31 29.66 -17.75
N ARG B 103 -0.87 28.67 -18.54
CA ARG B 103 -1.63 28.37 -19.78
C ARG B 103 -2.23 26.95 -19.62
N SER B 104 -2.60 26.66 -18.38
CA SER B 104 -3.33 25.43 -18.05
C SER B 104 -4.80 25.83 -17.85
N ARG B 105 -5.75 25.12 -18.44
CA ARG B 105 -7.13 25.52 -18.24
C ARG B 105 -7.91 24.25 -18.05
N PHE B 106 -8.89 24.27 -17.15
CA PHE B 106 -9.65 23.10 -16.88
C PHE B 106 -11.10 23.55 -16.68
N SER B 107 -12.01 22.68 -17.07
CA SER B 107 -13.40 22.98 -16.83
C SER B 107 -13.96 21.76 -16.09
N LEU B 108 -14.46 21.91 -14.87
CA LEU B 108 -14.93 20.76 -14.14
C LEU B 108 -16.42 20.83 -14.07
N SER B 109 -17.03 19.66 -13.93
CA SER B 109 -18.49 19.62 -13.81
C SER B 109 -18.91 20.07 -12.40
N THR B 110 -20.12 20.63 -12.27
CA THR B 110 -20.58 21.11 -10.97
C THR B 110 -21.87 20.46 -10.71
N LEU B 111 -22.27 20.54 -9.44
CA LEU B 111 -23.69 20.27 -9.06
C LEU B 111 -24.01 21.41 -8.13
N PRO B 112 -25.29 21.85 -8.15
CA PRO B 112 -25.66 23.10 -7.49
C PRO B 112 -25.37 23.07 -6.01
N ALA B 113 -24.86 24.14 -5.49
CA ALA B 113 -24.62 24.43 -4.07
C ALA B 113 -25.93 24.19 -3.31
N ALA B 114 -27.05 24.59 -3.90
CA ALA B 114 -28.34 24.44 -3.22
C ALA B 114 -28.68 22.99 -3.01
N ASP B 115 -28.06 22.11 -3.77
CA ASP B 115 -28.27 20.72 -3.56
C ASP B 115 -27.29 20.10 -2.58
N PHE B 116 -26.31 20.85 -2.08
CA PHE B 116 -25.38 20.21 -1.17
C PHE B 116 -26.00 20.11 0.21
N PRO B 117 -25.76 19.01 0.87
CA PRO B 117 -26.30 18.73 2.21
C PRO B 117 -25.78 19.73 3.17
N ASN B 118 -26.67 20.41 3.89
CA ASN B 118 -26.21 21.25 5.00
C ASN B 118 -26.71 20.57 6.25
N LEU B 119 -25.73 19.99 6.96
CA LEU B 119 -25.99 19.46 8.27
C LEU B 119 -26.65 20.63 9.01
N ASP B 120 -27.85 20.43 9.53
CA ASP B 120 -28.63 21.55 10.09
C ASP B 120 -28.11 22.11 11.42
N ASP B 121 -28.51 23.36 11.70
CA ASP B 121 -28.16 24.06 12.90
C ASP B 121 -28.48 23.29 14.15
N TRP B 122 -27.58 23.46 15.12
CA TRP B 122 -27.79 22.88 16.41
C TRP B 122 -27.05 23.72 17.38
N GLN B 123 -27.44 23.64 18.63
CA GLN B 123 -26.64 24.32 19.59
C GLN B 123 -25.79 23.35 20.39
N SER B 124 -24.58 23.81 20.58
CA SER B 124 -23.70 23.19 21.47
C SER B 124 -24.24 23.21 22.89
N GLU B 125 -24.03 22.12 23.64
CA GLU B 125 -24.36 22.05 25.05
C GLU B 125 -23.11 22.06 25.94
N VAL B 126 -21.99 21.57 25.41
CA VAL B 126 -20.82 21.27 26.23
C VAL B 126 -19.71 21.78 25.31
N GLU B 127 -18.67 22.44 25.81
CA GLU B 127 -17.52 22.65 24.97
C GLU B 127 -16.29 22.64 25.78
N PHE B 128 -15.18 22.26 25.13
CA PHE B 128 -13.91 22.23 25.86
C PHE B 128 -12.85 22.31 24.83
N THR B 129 -11.70 22.80 25.22
CA THR B 129 -10.57 22.91 24.33
C THR B 129 -9.39 22.15 24.94
N LEU B 130 -8.59 21.50 24.10
CA LEU B 130 -7.45 20.80 24.57
C LEU B 130 -6.45 20.68 23.47
N PRO B 131 -5.21 20.32 23.78
CA PRO B 131 -4.24 20.16 22.68
C PRO B 131 -4.68 19.06 21.71
N GLN B 132 -4.52 19.30 20.43
CA GLN B 132 -4.71 18.23 19.45
C GLN B 132 -4.05 16.96 19.86
N ALA B 133 -2.83 17.08 20.34
CA ALA B 133 -2.05 15.85 20.61
C ALA B 133 -2.65 15.01 21.76
N THR B 134 -3.27 15.68 22.73
CA THR B 134 -4.03 14.97 23.77
C THR B 134 -5.20 14.21 23.20
N MET B 135 -5.99 14.86 22.33
CA MET B 135 -7.13 14.18 21.71
C MET B 135 -6.62 12.98 20.92
N LYS B 136 -5.50 13.19 20.24
CA LYS B 136 -5.01 12.14 19.44
C LYS B 136 -4.53 10.96 20.31
N ARG B 137 -3.87 11.21 21.43
CA ARG B 137 -3.42 10.11 22.29
C ARG B 137 -4.71 9.40 22.78
N LEU B 138 -5.72 10.16 23.21
CA LEU B 138 -6.99 9.48 23.67
C LEU B 138 -7.56 8.62 22.62
N ILE B 139 -7.65 9.10 21.40
CA ILE B 139 -8.30 8.30 20.37
C ILE B 139 -7.42 7.10 19.98
N GLU B 140 -6.12 7.36 19.79
CA GLU B 140 -5.20 6.28 19.45
C GLU B 140 -5.11 5.18 20.45
N ALA B 141 -5.30 5.52 21.69
CA ALA B 141 -5.28 4.51 22.74
C ALA B 141 -6.45 3.55 22.71
N THR B 142 -7.60 3.94 22.12
CA THR B 142 -8.74 3.09 22.18
C THR B 142 -9.31 2.73 20.87
N GLN B 143 -8.94 3.45 19.83
CA GLN B 143 -9.67 3.33 18.59
C GLN B 143 -9.74 1.94 17.99
N PHE B 144 -8.65 1.19 18.19
CA PHE B 144 -8.61 -0.17 17.62
C PHE B 144 -9.67 -1.10 18.23
N SER B 145 -10.15 -0.75 19.41
CA SER B 145 -11.14 -1.64 20.04
C SER B 145 -12.55 -1.30 19.64
N MET B 146 -12.77 -0.31 18.78
CA MET B 146 -14.19 -0.07 18.39
C MET B 146 -14.73 -1.20 17.54
N ALA B 147 -16.01 -1.52 17.70
CA ALA B 147 -16.59 -2.52 16.85
C ALA B 147 -16.68 -1.93 15.45
N HIS B 148 -16.85 -2.77 14.45
CA HIS B 148 -16.95 -2.23 13.05
C HIS B 148 -18.36 -2.08 12.52
N GLN B 149 -18.96 -3.25 12.51
CA GLN B 149 -20.32 -3.40 11.96
C GLN B 149 -21.12 -4.34 12.91
N ASP B 150 -20.94 -4.16 14.18
CA ASP B 150 -21.82 -4.88 15.15
C ASP B 150 -23.27 -4.40 15.03
N VAL B 151 -24.21 -5.31 15.11
CA VAL B 151 -25.60 -4.91 15.10
C VAL B 151 -25.95 -3.94 16.23
N ARG B 152 -25.20 -4.02 17.32
CA ARG B 152 -25.30 -3.07 18.40
C ARG B 152 -24.58 -1.83 17.91
N TYR B 153 -25.35 -0.99 17.23
CA TYR B 153 -24.82 0.17 16.53
C TYR B 153 -24.06 1.13 17.45
N TYR B 154 -24.40 1.13 18.73
CA TYR B 154 -23.72 2.05 19.66
C TYR B 154 -22.28 1.58 19.97
N LEU B 155 -21.92 0.34 19.62
CA LEU B 155 -20.56 -0.08 19.76
C LEU B 155 -19.67 0.32 18.60
N ASN B 156 -20.26 0.70 17.50
CA ASN B 156 -19.48 0.98 16.26
C ASN B 156 -18.99 2.44 16.32
N GLY B 157 -18.31 2.77 17.41
CA GLY B 157 -17.92 4.15 17.62
C GLY B 157 -17.24 4.23 18.94
N MET B 158 -17.13 5.45 19.40
CA MET B 158 -16.27 5.61 20.50
C MET B 158 -16.95 6.47 21.50
N LEU B 159 -16.89 6.11 22.79
CA LEU B 159 -17.56 7.01 23.74
C LEU B 159 -16.61 8.10 24.05
N PHE B 160 -17.07 9.35 24.15
CA PHE B 160 -16.21 10.42 24.65
C PHE B 160 -16.97 10.91 25.94
N GLU B 161 -16.30 10.86 27.11
CA GLU B 161 -16.92 11.16 28.33
C GLU B 161 -16.05 12.16 29.06
N THR B 162 -16.71 13.14 29.64
CA THR B 162 -16.06 14.14 30.45
C THR B 162 -16.63 14.08 31.81
N GLU B 163 -15.76 14.36 32.74
CA GLU B 163 -16.24 14.69 34.09
C GLU B 163 -15.08 15.16 34.86
N GLY B 164 -15.41 16.04 35.80
CA GLY B 164 -14.35 16.72 36.57
C GLY B 164 -13.47 17.53 35.60
N GLU B 165 -12.22 17.20 35.55
CA GLU B 165 -11.38 17.72 34.49
C GLU B 165 -10.85 16.72 33.52
N GLU B 166 -11.52 15.55 33.40
CA GLU B 166 -10.96 14.47 32.69
C GLU B 166 -11.75 14.25 31.43
N LEU B 167 -11.06 13.87 30.38
CA LEU B 167 -11.77 13.48 29.15
C LEU B 167 -11.37 12.04 28.98
N ARG B 168 -12.35 11.17 28.59
CA ARG B 168 -12.04 9.80 28.46
C ARG B 168 -12.62 9.26 27.14
N THR B 169 -11.94 8.28 26.55
CA THR B 169 -12.56 7.57 25.45
C THR B 169 -12.67 6.13 25.81
N VAL B 170 -13.74 5.54 25.32
CA VAL B 170 -13.94 4.11 25.55
C VAL B 170 -14.38 3.52 24.22
N ALA B 171 -13.85 2.31 23.95
CA ALA B 171 -14.21 1.61 22.75
C ALA B 171 -14.25 0.17 23.14
N THR B 172 -15.24 -0.50 22.58
CA THR B 172 -15.31 -1.94 22.80
C THR B 172 -15.97 -2.67 21.70
N ASP B 173 -15.56 -3.91 21.42
CA ASP B 173 -16.27 -4.61 20.40
C ASP B 173 -16.82 -5.99 20.89
N GLY B 174 -16.89 -6.17 22.19
CA GLY B 174 -17.51 -7.36 22.79
C GLY B 174 -16.36 -8.39 23.01
N HIS B 175 -15.22 -8.26 22.37
CA HIS B 175 -14.07 -9.16 22.58
C HIS B 175 -13.08 -8.43 23.45
N ARG B 176 -13.01 -7.11 23.31
CA ARG B 176 -12.04 -6.41 24.13
C ARG B 176 -12.50 -5.01 24.32
N LEU B 177 -11.91 -4.28 25.28
CA LEU B 177 -12.38 -2.95 25.54
C LEU B 177 -11.09 -2.18 25.78
N ALA B 178 -11.05 -0.89 25.43
CA ALA B 178 -9.95 0.03 25.70
C ALA B 178 -10.57 1.29 26.30
N VAL B 179 -9.93 1.86 27.31
CA VAL B 179 -10.46 3.02 27.88
C VAL B 179 -9.19 3.84 28.19
N CYS B 180 -9.25 5.13 27.87
CA CYS B 180 -8.10 6.00 28.17
C CYS B 180 -8.63 7.36 28.67
N SER B 181 -7.98 7.95 29.66
CA SER B 181 -8.47 9.21 30.10
C SER B 181 -7.27 10.09 30.41
N MET B 182 -7.48 11.37 30.15
CA MET B 182 -6.45 12.36 30.40
C MET B 182 -7.07 13.58 31.04
N PRO B 183 -6.34 14.22 31.93
CA PRO B 183 -6.82 15.49 32.48
C PRO B 183 -6.62 16.61 31.47
N ILE B 184 -7.60 17.50 31.34
CA ILE B 184 -7.41 18.55 30.36
C ILE B 184 -7.53 19.94 30.95
N GLY B 185 -7.40 20.02 32.27
CA GLY B 185 -7.08 21.34 32.87
C GLY B 185 -8.22 22.29 32.82
N GLN B 186 -9.47 21.82 32.92
CA GLN B 186 -10.60 22.75 33.03
C GLN B 186 -11.76 22.00 33.60
N SER B 187 -12.73 22.72 34.18
CA SER B 187 -13.85 22.03 34.78
C SER B 187 -14.77 21.68 33.69
N LEU B 188 -15.12 20.42 33.62
CA LEU B 188 -16.08 19.97 32.61
C LEU B 188 -17.38 19.54 33.26
N PRO B 189 -18.46 19.60 32.49
CA PRO B 189 -19.71 18.99 32.92
C PRO B 189 -19.54 17.48 32.79
N SER B 190 -20.39 16.74 33.41
CA SER B 190 -20.32 15.30 33.31
C SER B 190 -21.21 14.93 32.15
N HIS B 191 -20.63 14.40 31.05
CA HIS B 191 -21.46 14.21 29.88
C HIS B 191 -20.74 13.16 29.04
N SER B 192 -21.49 12.46 28.20
CA SER B 192 -20.74 11.58 27.32
C SER B 192 -21.58 11.33 26.10
N VAL B 193 -20.89 11.03 24.99
CA VAL B 193 -21.58 10.84 23.76
C VAL B 193 -20.80 9.74 23.04
N ILE B 194 -21.43 9.18 21.99
CA ILE B 194 -20.80 8.18 21.23
C ILE B 194 -20.59 8.80 19.83
N VAL B 195 -19.35 8.82 19.39
CA VAL B 195 -19.08 9.37 18.06
C VAL B 195 -18.91 8.13 17.14
N PRO B 196 -19.55 8.15 16.02
CA PRO B 196 -19.52 6.96 15.13
C PRO B 196 -18.05 6.72 14.69
N ARG B 197 -17.70 5.44 14.45
CA ARG B 197 -16.31 5.12 14.22
C ARG B 197 -15.78 5.90 13.02
N LYS B 198 -16.58 6.06 11.97
CA LYS B 198 -15.99 6.78 10.86
C LYS B 198 -15.75 8.28 11.23
N GLY B 199 -16.57 8.83 12.13
CA GLY B 199 -16.24 10.17 12.60
C GLY B 199 -14.97 10.22 13.39
N VAL B 200 -14.80 9.21 14.21
CA VAL B 200 -13.56 9.11 15.00
C VAL B 200 -12.33 9.00 14.01
N ILE B 201 -12.48 8.25 12.96
CA ILE B 201 -11.33 8.06 12.03
C ILE B 201 -11.07 9.42 11.33
N GLU B 202 -12.10 10.09 11.01
CA GLU B 202 -11.93 11.39 10.34
C GLU B 202 -11.36 12.39 11.27
N LEU B 203 -11.80 12.38 12.55
CA LEU B 203 -11.27 13.32 13.52
C LEU B 203 -9.79 13.07 13.59
N MET B 204 -9.44 11.79 13.65
CA MET B 204 -8.00 11.43 13.53
C MET B 204 -7.31 11.91 12.23
N ARG B 205 -7.96 11.92 11.07
CA ARG B 205 -7.33 12.55 9.86
C ARG B 205 -7.01 14.01 10.18
N MET B 206 -7.88 14.67 10.90
CA MET B 206 -7.78 16.11 11.07
C MET B 206 -6.64 16.50 12.00
N LEU B 207 -6.34 15.69 13.01
CA LEU B 207 -5.41 16.02 14.04
C LEU B 207 -3.99 15.61 13.61
N ASP B 208 -3.03 16.51 13.79
CA ASP B 208 -1.75 16.11 13.24
C ASP B 208 -0.65 16.68 13.94
N GLY B 209 -0.25 17.78 13.40
CA GLY B 209 0.70 18.58 14.09
C GLY B 209 -0.07 19.40 15.06
N GLY B 210 0.45 19.36 16.29
CA GLY B 210 -0.35 19.45 17.49
C GLY B 210 -0.11 20.79 18.14
N ASP B 211 0.29 21.75 17.31
CA ASP B 211 0.31 23.12 17.77
C ASP B 211 -1.12 23.67 18.11
N ASN B 212 -1.94 24.05 17.11
CA ASN B 212 -3.24 24.71 17.40
C ASN B 212 -4.12 23.94 18.42
N PRO B 213 -4.83 24.65 19.32
CA PRO B 213 -5.77 23.98 20.22
C PRO B 213 -6.91 23.32 19.42
N LEU B 214 -7.52 22.33 20.01
CA LEU B 214 -8.73 21.76 19.39
C LEU B 214 -9.87 22.22 20.24
N ARG B 215 -10.83 22.92 19.66
CA ARG B 215 -12.05 23.23 20.40
C ARG B 215 -13.14 22.21 20.06
N VAL B 216 -13.74 21.55 21.02
CA VAL B 216 -14.77 20.51 20.66
C VAL B 216 -16.07 21.11 21.21
N GLN B 217 -17.12 21.08 20.45
CA GLN B 217 -18.43 21.43 20.94
C GLN B 217 -19.30 20.21 20.82
N ILE B 218 -20.09 19.97 21.84
CA ILE B 218 -20.95 18.82 21.76
C ILE B 218 -22.39 19.28 21.96
N GLY B 219 -23.22 18.90 20.98
CA GLY B 219 -24.63 19.11 21.01
C GLY B 219 -25.33 17.84 21.43
N SER B 220 -26.63 17.97 21.40
CA SER B 220 -27.47 16.83 21.66
C SER B 220 -27.24 15.67 20.67
N ASN B 221 -27.09 16.02 19.39
CA ASN B 221 -27.01 15.03 18.35
C ASN B 221 -25.78 15.18 17.46
N ASN B 222 -24.85 16.07 17.80
CA ASN B 222 -23.74 16.35 16.94
C ASN B 222 -22.52 16.72 17.78
N ILE B 223 -21.37 16.53 17.17
CA ILE B 223 -20.11 16.92 17.78
C ILE B 223 -19.39 17.79 16.74
N ARG B 224 -18.60 18.76 17.19
CA ARG B 224 -17.95 19.65 16.25
C ARG B 224 -16.58 19.84 16.78
N ALA B 225 -15.56 19.82 15.91
CA ALA B 225 -14.19 20.02 16.40
C ALA B 225 -13.63 21.05 15.54
N HIS B 226 -13.01 22.06 16.15
CA HIS B 226 -12.46 23.15 15.37
C HIS B 226 -11.00 23.14 15.63
N VAL B 227 -10.22 23.16 14.57
CA VAL B 227 -8.75 23.26 14.76
C VAL B 227 -8.34 24.22 13.68
N GLY B 228 -7.76 25.34 14.06
CA GLY B 228 -7.40 26.33 13.05
C GLY B 228 -8.58 26.80 12.23
N ASP B 229 -8.45 26.63 10.92
CA ASP B 229 -9.49 27.08 10.05
C ASP B 229 -10.32 25.91 9.55
N PHE B 230 -10.24 24.79 10.27
CA PHE B 230 -11.01 23.60 9.83
C PHE B 230 -12.05 23.28 10.82
N ILE B 231 -13.19 22.76 10.37
CA ILE B 231 -14.23 22.53 11.38
C ILE B 231 -14.83 21.20 10.91
N PHE B 232 -14.78 20.23 11.80
CA PHE B 232 -15.27 18.91 11.59
C PHE B 232 -16.54 18.74 12.36
N THR B 233 -17.63 18.20 11.77
CA THR B 233 -18.84 18.02 12.51
C THR B 233 -19.30 16.63 12.19
N SER B 234 -19.74 15.89 13.21
CA SER B 234 -20.28 14.57 12.95
C SER B 234 -21.60 14.40 13.72
N LYS B 235 -22.51 13.55 13.25
CA LYS B 235 -23.56 13.13 14.08
C LYS B 235 -23.03 12.30 15.18
N LEU B 236 -23.85 12.15 16.23
CA LEU B 236 -23.49 11.28 17.31
C LEU B 236 -24.34 10.04 17.17
N VAL B 237 -24.01 9.02 17.94
CA VAL B 237 -24.77 7.76 17.91
C VAL B 237 -25.65 7.67 19.13
N ASP B 238 -26.90 7.27 18.88
CA ASP B 238 -27.72 6.91 20.02
C ASP B 238 -27.40 5.61 20.70
N GLY B 239 -27.93 5.46 21.87
CA GLY B 239 -28.01 4.14 22.42
C GLY B 239 -27.12 4.20 23.65
N ARG B 240 -27.17 3.18 24.45
CA ARG B 240 -26.61 3.27 25.77
C ARG B 240 -25.29 2.51 25.54
N PHE B 241 -24.18 3.19 25.69
CA PHE B 241 -22.87 2.56 25.57
C PHE B 241 -22.57 1.76 26.84
N PRO B 242 -21.81 0.71 26.74
CA PRO B 242 -21.36 -0.03 27.93
C PRO B 242 -20.58 0.76 28.94
N ASP B 243 -20.74 0.37 30.17
CA ASP B 243 -19.96 1.14 31.18
C ASP B 243 -18.67 0.39 31.40
N TYR B 244 -17.52 1.01 31.08
CA TYR B 244 -16.27 0.27 31.19
C TYR B 244 -15.96 -0.15 32.59
N ARG B 245 -16.44 0.65 33.55
CA ARG B 245 -16.27 0.24 34.94
C ARG B 245 -16.84 -1.10 35.32
N ARG B 246 -17.88 -1.52 34.63
CA ARG B 246 -18.51 -2.79 34.87
C ARG B 246 -17.87 -3.86 34.04
N VAL B 247 -17.14 -3.45 33.02
CA VAL B 247 -16.42 -4.39 32.16
C VAL B 247 -15.10 -4.75 32.83
N LEU B 248 -14.39 -3.82 33.52
CA LEU B 248 -13.14 -4.16 34.17
C LEU B 248 -13.29 -5.38 35.08
N PRO B 249 -12.35 -6.31 35.05
CA PRO B 249 -12.43 -7.45 35.95
C PRO B 249 -12.58 -6.93 37.40
N LYS B 250 -13.46 -7.59 38.12
CA LYS B 250 -13.86 -7.16 39.45
C LYS B 250 -12.72 -7.32 40.48
N ASN B 251 -12.08 -8.48 40.46
CA ASN B 251 -10.93 -8.63 41.36
C ASN B 251 -9.89 -9.53 40.71
N PRO B 252 -9.11 -8.93 39.80
CA PRO B 252 -8.15 -9.68 39.02
C PRO B 252 -6.88 -9.75 39.87
N ASP B 253 -6.95 -10.64 40.89
CA ASP B 253 -5.98 -10.83 42.00
C ASP B 253 -4.59 -11.16 41.52
N LYS B 254 -4.51 -11.83 40.38
CA LYS B 254 -3.22 -12.29 39.89
C LYS B 254 -2.66 -11.17 39.12
N HIS B 255 -1.46 -10.76 39.45
CA HIS B 255 -0.90 -9.59 38.79
C HIS B 255 0.47 -9.93 38.24
N LEU B 256 0.67 -9.75 36.97
CA LEU B 256 1.93 -10.01 36.40
C LEU B 256 2.47 -8.75 35.75
N GLU B 257 3.77 -8.54 35.78
CA GLU B 257 4.39 -7.40 35.21
C GLU B 257 5.48 -7.90 34.33
N ALA B 258 5.65 -7.26 33.19
CA ALA B 258 6.61 -7.63 32.17
C ALA B 258 7.02 -6.46 31.38
N GLY B 259 8.17 -6.59 30.73
CA GLY B 259 8.65 -5.64 29.76
C GLY B 259 7.65 -5.62 28.62
N CYS B 260 7.20 -4.42 28.21
CA CYS B 260 6.17 -4.31 27.17
C CYS B 260 6.78 -4.79 25.86
N ASP B 261 8.00 -4.37 25.61
CA ASP B 261 8.51 -4.78 24.35
C ASP B 261 8.88 -6.28 24.33
N LEU B 262 9.44 -6.81 25.42
CA LEU B 262 9.73 -8.22 25.43
C LEU B 262 8.47 -9.04 25.24
N LEU B 263 7.43 -8.71 26.03
CA LEU B 263 6.15 -9.40 25.88
C LEU B 263 5.65 -9.35 24.45
N LYS B 264 5.58 -8.17 23.89
CA LYS B 264 5.12 -7.99 22.56
C LYS B 264 5.88 -8.76 21.49
N GLN B 265 7.20 -8.72 21.53
CA GLN B 265 7.97 -9.49 20.56
C GLN B 265 7.75 -11.01 20.72
N ALA B 266 7.60 -11.48 21.97
CA ALA B 266 7.37 -12.92 22.19
C ALA B 266 5.97 -13.33 21.60
N PHE B 267 4.94 -12.51 21.84
CA PHE B 267 3.62 -12.80 21.30
C PHE B 267 3.67 -12.69 19.78
N ALA B 268 4.43 -11.75 19.25
CA ALA B 268 4.51 -11.65 17.82
C ALA B 268 5.21 -12.81 17.15
N ARG B 269 6.24 -13.36 17.76
CA ARG B 269 6.86 -14.57 17.16
C ARG B 269 5.92 -15.76 17.39
N ALA B 270 5.29 -15.87 18.56
CA ALA B 270 4.37 -17.03 18.76
C ALA B 270 3.33 -16.97 17.73
N ALA B 271 2.93 -15.72 17.37
CA ALA B 271 1.78 -15.53 16.43
C ALA B 271 2.04 -16.15 15.08
N ILE B 272 3.29 -16.24 14.68
CA ILE B 272 3.61 -16.78 13.37
C ILE B 272 3.10 -18.21 13.24
N LEU B 273 3.19 -18.98 14.32
CA LEU B 273 2.68 -20.36 14.26
C LEU B 273 1.30 -20.54 14.90
N SER B 274 0.55 -19.46 15.03
CA SER B 274 -0.79 -19.64 15.54
C SER B 274 -1.74 -19.89 14.37
N ASN B 275 -2.93 -20.37 14.67
CA ASN B 275 -3.92 -20.62 13.66
C ASN B 275 -4.23 -19.32 12.90
N GLU B 276 -4.04 -19.36 11.60
CA GLU B 276 -4.24 -18.14 10.78
C GLU B 276 -5.63 -17.49 10.93
N LYS B 277 -6.65 -18.31 11.13
CA LYS B 277 -7.99 -17.79 11.31
C LYS B 277 -8.27 -17.40 12.73
N PHE B 278 -7.91 -18.26 13.67
CA PHE B 278 -8.35 -18.13 15.03
C PHE B 278 -7.35 -17.48 15.98
N ARG B 279 -6.11 -17.54 15.60
CA ARG B 279 -5.01 -16.78 16.25
C ARG B 279 -4.82 -17.06 17.74
N GLY B 280 -5.10 -18.29 18.13
CA GLY B 280 -5.06 -18.66 19.51
C GLY B 280 -3.63 -18.88 19.98
N VAL B 281 -3.35 -18.35 21.16
CA VAL B 281 -2.05 -18.69 21.83
C VAL B 281 -2.37 -18.98 23.27
N ARG B 282 -1.49 -19.74 23.97
CA ARG B 282 -1.91 -20.11 25.27
C ARG B 282 -0.83 -19.46 26.11
N LEU B 283 -1.25 -18.94 27.24
CA LEU B 283 -0.29 -18.36 28.18
C LEU B 283 -0.29 -19.21 29.41
N TYR B 284 0.91 -19.44 29.95
CA TYR B 284 0.98 -20.23 31.14
C TYR B 284 1.74 -19.40 32.12
N VAL B 285 1.12 -19.06 33.24
CA VAL B 285 1.73 -18.12 34.16
C VAL B 285 2.14 -18.92 35.39
N SER B 286 3.40 -18.76 35.77
CA SER B 286 3.88 -19.46 36.97
C SER B 286 4.90 -18.51 37.62
N GLU B 287 5.48 -18.98 38.72
CA GLU B 287 6.33 -18.06 39.49
C GLU B 287 7.41 -17.39 38.65
N ASN B 288 7.35 -16.06 38.53
CA ASN B 288 8.21 -15.27 37.70
C ASN B 288 8.41 -15.72 36.29
N GLN B 289 7.36 -16.35 35.69
CA GLN B 289 7.57 -16.78 34.33
C GLN B 289 6.21 -16.79 33.62
N LEU B 290 6.31 -16.55 32.34
CA LEU B 290 5.23 -16.60 31.37
C LEU B 290 5.78 -17.41 30.25
N LYS B 291 5.00 -18.44 29.86
CA LYS B 291 5.31 -19.21 28.70
C LYS B 291 4.13 -18.96 27.77
N ILE B 292 4.48 -18.74 26.51
CA ILE B 292 3.49 -18.52 25.46
C ILE B 292 3.69 -19.63 24.52
N THR B 293 2.60 -20.30 24.11
CA THR B 293 2.76 -21.27 23.08
C THR B 293 1.71 -21.08 22.01
N ALA B 294 2.02 -21.51 20.82
CA ALA B 294 1.04 -21.45 19.71
C ALA B 294 1.22 -22.70 18.96
N ASN B 295 0.16 -23.21 18.38
CA ASN B 295 0.35 -24.27 17.42
C ASN B 295 -0.75 -24.21 16.47
N ASN B 296 -0.52 -24.73 15.27
CA ASN B 296 -1.47 -24.50 14.18
C ASN B 296 -1.95 -25.79 13.56
N PRO B 297 -2.88 -25.70 12.61
CA PRO B 297 -3.35 -26.91 11.95
C PRO B 297 -2.25 -27.70 11.27
N GLU B 298 -1.14 -27.07 10.88
CA GLU B 298 -0.14 -27.76 10.16
C GLU B 298 0.80 -28.47 11.16
N GLN B 299 0.43 -28.49 12.46
CA GLN B 299 1.22 -29.15 13.53
C GLN B 299 2.60 -28.53 13.53
N GLU B 300 2.62 -27.18 13.55
CA GLU B 300 3.83 -26.43 13.85
C GLU B 300 3.59 -25.83 15.18
N GLU B 301 4.64 -25.55 15.95
CA GLU B 301 4.38 -24.98 17.22
C GLU B 301 5.50 -24.05 17.58
N ALA B 302 5.15 -23.12 18.47
CA ALA B 302 6.09 -22.19 19.03
C ALA B 302 5.95 -22.14 20.49
N GLU B 303 7.05 -21.76 21.12
CA GLU B 303 7.04 -21.57 22.56
C GLU B 303 8.02 -20.47 22.84
N GLU B 304 7.58 -19.52 23.67
CA GLU B 304 8.41 -18.44 24.18
C GLU B 304 8.39 -18.52 25.65
N ILE B 305 9.54 -18.40 26.29
CA ILE B 305 9.41 -18.34 27.70
C ILE B 305 9.97 -16.94 28.14
N LEU B 306 9.32 -16.24 29.05
CA LEU B 306 9.80 -14.95 29.54
C LEU B 306 9.89 -14.92 31.01
N ASP B 307 10.85 -14.12 31.53
CA ASP B 307 10.89 -13.90 32.94
C ASP B 307 9.92 -12.78 33.15
N VAL B 308 9.03 -12.87 34.09
CA VAL B 308 8.16 -11.69 34.32
C VAL B 308 8.17 -11.53 35.79
N THR B 309 7.53 -10.51 36.32
CA THR B 309 7.34 -10.65 37.74
C THR B 309 5.91 -11.15 38.07
N TYR B 310 5.86 -12.24 38.81
CA TYR B 310 4.59 -12.86 39.07
C TYR B 310 4.82 -13.80 40.18
N SER B 311 3.93 -13.79 41.18
CA SER B 311 4.03 -14.56 42.42
C SER B 311 2.68 -15.14 42.87
N GLY B 312 1.68 -15.11 41.97
CA GLY B 312 0.32 -15.61 42.25
C GLY B 312 0.15 -17.03 41.76
N ALA B 313 -1.09 -17.57 41.82
CA ALA B 313 -1.37 -19.00 41.51
C ALA B 313 -1.07 -19.28 40.05
N GLU B 314 -0.56 -20.48 39.77
CA GLU B 314 -0.26 -20.87 38.41
C GLU B 314 -1.60 -20.93 37.68
N MET B 315 -1.58 -20.49 36.42
CA MET B 315 -2.75 -20.68 35.59
C MET B 315 -2.40 -20.63 34.11
N GLU B 316 -3.40 -20.98 33.30
CA GLU B 316 -3.20 -21.11 31.91
C GLU B 316 -4.40 -20.34 31.36
N ILE B 317 -4.17 -19.57 30.33
CA ILE B 317 -5.30 -18.86 29.71
C ILE B 317 -4.98 -18.71 28.21
N GLY B 318 -6.03 -18.74 27.39
CA GLY B 318 -5.85 -18.55 25.97
C GLY B 318 -6.34 -17.18 25.50
N PHE B 319 -5.70 -16.68 24.42
CA PHE B 319 -6.06 -15.42 23.83
C PHE B 319 -5.89 -15.47 22.36
N ASN B 320 -6.66 -14.64 21.71
CA ASN B 320 -6.34 -14.28 20.35
C ASN B 320 -5.12 -13.38 20.42
N VAL B 321 -4.01 -13.79 19.81
CA VAL B 321 -2.78 -13.06 20.00
C VAL B 321 -2.81 -11.66 19.36
N SER B 322 -3.62 -11.49 18.30
CA SER B 322 -3.79 -10.16 17.69
C SER B 322 -4.36 -9.20 18.70
N TYR B 323 -5.32 -9.68 19.51
CA TYR B 323 -5.97 -8.80 20.49
C TYR B 323 -4.95 -8.37 21.51
N VAL B 324 -4.10 -9.32 21.89
CA VAL B 324 -3.07 -8.94 22.86
C VAL B 324 -2.04 -8.03 22.25
N LEU B 325 -1.63 -8.29 21.04
CA LEU B 325 -0.60 -7.43 20.50
C LEU B 325 -1.17 -6.01 20.24
N ASP B 326 -2.43 -5.93 19.86
CA ASP B 326 -3.06 -4.58 19.65
C ASP B 326 -2.95 -3.81 20.91
N VAL B 327 -3.15 -4.47 22.05
CA VAL B 327 -3.07 -3.76 23.33
C VAL B 327 -1.60 -3.32 23.60
N LEU B 328 -0.70 -4.26 23.39
CA LEU B 328 0.70 -3.95 23.68
C LEU B 328 1.24 -2.93 22.77
N ASN B 329 0.73 -2.88 21.54
CA ASN B 329 1.17 -1.86 20.60
C ASN B 329 0.61 -0.46 20.96
N ALA B 330 -0.59 -0.44 21.52
CA ALA B 330 -1.24 0.81 21.97
C ALA B 330 -0.60 1.32 23.28
N LEU B 331 -0.05 0.41 24.09
CA LEU B 331 0.52 0.78 25.36
C LEU B 331 1.89 1.44 25.17
N LYS B 332 2.76 0.89 24.35
CA LYS B 332 4.08 1.55 24.08
C LYS B 332 4.67 2.26 25.31
N CYS B 333 4.94 1.47 26.30
CA CYS B 333 5.50 1.99 27.51
C CYS B 333 6.63 0.99 27.79
N GLU B 334 7.33 1.19 28.87
CA GLU B 334 8.33 0.21 29.22
C GLU B 334 7.84 -1.13 29.78
N ASN B 335 7.03 -1.12 30.82
CA ASN B 335 6.51 -2.34 31.46
C ASN B 335 4.99 -2.35 31.48
N VAL B 336 4.42 -3.53 31.29
CA VAL B 336 2.96 -3.68 31.41
C VAL B 336 2.62 -4.50 32.59
N ARG B 337 1.38 -4.33 33.05
CA ARG B 337 0.87 -5.12 34.14
C ARG B 337 -0.31 -5.82 33.52
N MET B 338 -0.35 -7.14 33.60
CA MET B 338 -1.59 -7.86 33.31
C MET B 338 -2.21 -8.36 34.59
N MET B 339 -3.52 -8.22 34.67
CA MET B 339 -4.22 -8.59 35.85
C MET B 339 -5.22 -9.64 35.52
N LEU B 340 -5.06 -10.79 36.13
CA LEU B 340 -5.79 -12.03 35.73
C LEU B 340 -6.65 -12.52 36.83
N THR B 341 -7.61 -13.31 36.42
CA THR B 341 -8.53 -13.89 37.36
C THR B 341 -8.57 -15.42 37.25
N ASP B 342 -8.85 -15.89 36.05
CA ASP B 342 -8.88 -17.30 35.78
C ASP B 342 -8.96 -17.49 34.27
N SER B 343 -8.98 -18.72 33.82
CA SER B 343 -8.77 -18.96 32.40
C SER B 343 -10.00 -18.57 31.59
N VAL B 344 -11.15 -18.37 32.23
CA VAL B 344 -12.36 -18.04 31.43
C VAL B 344 -12.84 -16.61 31.64
N SER B 345 -12.04 -15.81 32.36
CA SER B 345 -12.38 -14.43 32.67
C SER B 345 -11.45 -13.49 31.89
N SER B 346 -11.92 -12.27 31.65
CA SER B 346 -11.15 -11.31 30.90
C SER B 346 -9.87 -10.97 31.70
N VAL B 347 -8.92 -10.40 31.02
CA VAL B 347 -7.75 -9.88 31.67
C VAL B 347 -7.69 -8.39 31.47
N GLN B 348 -7.12 -7.69 32.45
CA GLN B 348 -6.94 -6.23 32.29
C GLN B 348 -5.47 -6.00 32.13
N ILE B 349 -5.10 -5.15 31.17
CA ILE B 349 -3.69 -4.82 30.92
C ILE B 349 -3.55 -3.34 30.97
N GLU B 350 -2.44 -2.88 31.57
CA GLU B 350 -2.26 -1.46 31.74
C GLU B 350 -0.74 -1.29 31.68
N ASP B 351 -0.35 -0.05 31.46
CA ASP B 351 1.03 0.40 31.69
C ASP B 351 1.27 0.18 33.15
N ALA B 352 2.37 -0.54 33.53
CA ALA B 352 2.66 -0.78 34.93
C ALA B 352 2.89 0.57 35.69
N ALA B 353 3.27 1.60 34.95
CA ALA B 353 3.62 2.88 35.52
C ALA B 353 2.49 3.90 35.41
N SER B 354 1.35 3.58 34.76
CA SER B 354 0.34 4.62 34.56
C SER B 354 -1.01 3.97 34.53
N GLN B 355 -1.97 4.63 35.15
CA GLN B 355 -3.35 4.23 35.06
C GLN B 355 -4.15 4.98 33.99
N SER B 356 -3.51 5.78 33.08
CA SER B 356 -4.22 6.55 32.09
C SER B 356 -5.11 5.67 31.20
N ALA B 357 -4.60 4.49 30.85
CA ALA B 357 -5.30 3.63 29.90
C ALA B 357 -5.44 2.25 30.52
N ALA B 358 -6.49 1.52 30.13
CA ALA B 358 -6.62 0.17 30.64
C ALA B 358 -7.28 -0.56 29.47
N TYR B 359 -6.96 -1.85 29.33
CA TYR B 359 -7.50 -2.72 28.29
C TYR B 359 -8.01 -3.95 28.90
N VAL B 360 -9.13 -4.43 28.38
CA VAL B 360 -9.69 -5.64 28.91
C VAL B 360 -9.82 -6.51 27.69
N VAL B 361 -9.35 -7.75 27.81
CA VAL B 361 -9.41 -8.67 26.68
C VAL B 361 -10.03 -9.93 27.17
N MET B 362 -11.05 -10.37 26.46
CA MET B 362 -11.70 -11.61 26.80
C MET B 362 -10.87 -12.76 26.18
N PRO B 363 -10.65 -13.84 26.96
CA PRO B 363 -9.89 -14.96 26.46
C PRO B 363 -10.66 -15.82 25.48
N MET B 364 -9.90 -16.68 24.84
CA MET B 364 -10.45 -17.79 24.07
C MET B 364 -10.53 -19.03 24.97
N ARG B 365 -11.35 -20.03 24.59
CA ARG B 365 -11.39 -21.19 25.45
C ARG B 365 -10.17 -22.07 25.23
N LEU B 366 -9.65 -22.64 26.32
CA LEU B 366 -8.54 -23.61 26.16
C LEU B 366 -9.10 -24.92 25.62
N HIS C 5 -3.04 -33.32 26.79
CA HIS C 5 -3.13 -34.78 26.54
C HIS C 5 -1.71 -35.38 26.47
N HIS C 6 -1.49 -36.39 27.29
CA HIS C 6 -0.18 -36.98 27.52
C HIS C 6 -0.25 -38.45 27.15
N VAL C 7 0.87 -38.99 26.67
CA VAL C 7 1.02 -40.42 26.53
C VAL C 7 2.33 -40.75 27.24
N GLY C 8 2.33 -41.80 28.10
CA GLY C 8 3.59 -42.04 28.80
C GLY C 8 3.67 -43.54 29.13
N VAL C 9 4.85 -43.97 29.54
CA VAL C 9 5.07 -45.33 30.03
C VAL C 9 6.06 -45.15 31.17
N GLU C 10 6.10 -46.12 32.04
CA GLU C 10 6.98 -46.02 33.15
C GLU C 10 7.28 -47.46 33.62
N ARG C 11 8.42 -47.59 34.25
CA ARG C 11 8.90 -48.88 34.82
C ARG C 11 9.13 -48.57 36.28
N THR C 12 8.57 -49.36 37.18
CA THR C 12 8.84 -49.25 38.57
C THR C 12 9.98 -50.22 38.82
N MET C 13 10.96 -49.80 39.60
CA MET C 13 12.03 -50.78 39.84
C MET C 13 11.85 -51.67 41.07
N ALA C 14 12.24 -52.93 40.88
CA ALA C 14 12.41 -53.91 41.94
C ALA C 14 13.34 -53.34 43.01
N GLU C 15 14.60 -53.25 42.59
CA GLU C 15 15.62 -52.66 43.41
C GLU C 15 15.93 -51.28 42.84
N ASP C 16 16.05 -50.26 43.70
CA ASP C 16 16.33 -48.88 43.23
C ASP C 16 17.61 -48.95 42.40
N ILE C 17 17.71 -48.19 41.32
CA ILE C 17 18.92 -48.17 40.54
C ILE C 17 19.73 -46.96 40.95
N HIS C 18 21.04 -47.06 40.82
CA HIS C 18 21.95 -45.97 41.18
C HIS C 18 22.93 -45.69 40.08
N HIS C 19 22.83 -46.37 38.95
CA HIS C 19 23.83 -46.12 37.91
C HIS C 19 23.16 -45.70 36.64
N TRP C 20 23.68 -44.66 36.00
CA TRP C 20 23.14 -44.20 34.76
C TRP C 20 22.96 -45.35 33.74
N SER C 21 23.85 -46.32 33.71
CA SER C 21 23.75 -47.31 32.64
C SER C 21 22.46 -48.10 32.81
N GLU C 22 22.04 -48.31 34.06
CA GLU C 22 20.87 -49.08 34.40
C GLU C 22 19.63 -48.23 34.02
N CYS C 23 19.69 -46.91 34.26
CA CYS C 23 18.67 -45.96 33.70
C CYS C 23 18.55 -46.01 32.21
N GLU C 24 19.69 -45.89 31.52
CA GLU C 24 19.61 -45.95 30.09
C GLU C 24 19.03 -47.28 29.56
N ALA C 25 19.36 -48.45 30.22
CA ALA C 25 18.83 -49.71 29.79
C ALA C 25 17.34 -49.75 29.98
N ILE C 26 16.86 -49.17 31.07
CA ILE C 26 15.40 -49.07 31.27
C ILE C 26 14.74 -48.25 30.15
N ILE C 27 15.35 -47.11 29.81
CA ILE C 27 14.85 -46.27 28.75
C ILE C 27 14.73 -46.98 27.42
N GLU C 28 15.77 -47.78 27.14
CA GLU C 28 15.79 -48.65 25.96
C GLU C 28 14.63 -49.57 25.91
N ARG C 29 14.15 -50.06 27.04
CA ARG C 29 13.00 -50.92 26.98
C ARG C 29 11.70 -50.17 27.01
N LEU C 30 11.63 -49.02 27.66
CA LEU C 30 10.43 -48.20 27.62
C LEU C 30 10.11 -47.63 26.28
N TYR C 31 11.16 -47.23 25.56
CA TYR C 31 10.97 -46.40 24.37
C TYR C 31 10.01 -47.06 23.34
N PRO C 32 10.18 -48.35 22.99
CA PRO C 32 9.26 -49.06 22.09
C PRO C 32 7.87 -49.10 22.59
N GLU C 33 7.74 -49.21 23.90
CA GLU C 33 6.44 -49.26 24.50
C GLU C 33 5.76 -47.93 24.28
N LEU C 34 6.55 -46.86 24.47
CA LEU C 34 5.97 -45.54 24.33
C LEU C 34 5.63 -45.34 22.84
N GLU C 35 6.52 -45.79 21.98
CA GLU C 35 6.25 -45.58 20.55
C GLU C 35 4.95 -46.27 20.16
N ARG C 36 4.81 -47.51 20.65
CA ARG C 36 3.58 -48.22 20.37
C ARG C 36 2.38 -47.53 20.90
N ARG C 37 2.39 -47.03 22.13
CA ARG C 37 1.23 -46.35 22.77
C ARG C 37 0.96 -45.09 21.99
N LEU C 38 2.02 -44.36 21.68
CA LEU C 38 1.81 -43.12 20.94
C LEU C 38 1.28 -43.39 19.53
N ALA C 39 1.84 -44.40 18.86
CA ALA C 39 1.34 -44.67 17.51
C ALA C 39 -0.18 -44.96 17.43
N LYS C 40 -0.73 -45.53 18.48
CA LYS C 40 -2.14 -45.89 18.49
C LYS C 40 -2.97 -44.67 18.44
N VAL C 41 -2.47 -43.57 18.99
CA VAL C 41 -3.27 -42.35 18.97
C VAL C 41 -2.70 -41.27 18.04
N LYS C 42 -1.49 -41.47 17.56
CA LYS C 42 -0.84 -40.43 16.82
C LYS C 42 0.20 -41.06 15.94
N PRO C 43 -0.22 -41.69 14.87
CA PRO C 43 0.71 -42.52 14.07
C PRO C 43 1.94 -41.78 13.52
N ASP C 44 1.82 -40.47 13.23
CA ASP C 44 2.97 -39.76 12.72
C ASP C 44 3.96 -39.45 13.82
N LEU C 45 3.58 -39.82 15.06
CA LEU C 45 4.43 -39.56 16.26
C LEU C 45 4.80 -38.07 16.47
N LEU C 46 4.01 -37.15 15.92
CA LEU C 46 4.27 -35.72 16.12
C LEU C 46 3.64 -35.28 17.46
N ILE C 47 4.43 -34.56 18.27
CA ILE C 47 4.04 -34.19 19.63
C ILE C 47 4.41 -32.76 19.81
N ALA C 48 4.12 -32.25 20.99
CA ALA C 48 4.50 -30.90 21.36
C ALA C 48 5.80 -30.93 22.19
N ARG C 49 5.85 -31.90 23.10
CA ARG C 49 6.95 -31.98 24.05
C ARG C 49 7.20 -33.43 24.46
N GLN C 50 8.41 -33.74 24.91
CA GLN C 50 8.56 -35.04 25.52
C GLN C 50 9.52 -34.90 26.67
N GLY C 51 9.65 -35.94 27.48
CA GLY C 51 10.49 -35.79 28.64
C GLY C 51 10.45 -37.07 29.41
N VAL C 52 11.06 -37.03 30.56
CA VAL C 52 11.37 -38.19 31.29
C VAL C 52 10.97 -37.90 32.76
N LYS C 53 10.64 -38.93 33.48
CA LYS C 53 10.43 -38.70 34.84
C LYS C 53 11.29 -39.66 35.61
N LEU C 54 11.82 -39.19 36.72
CA LEU C 54 12.51 -40.07 37.64
C LEU C 54 11.81 -39.95 38.97
N LYS C 55 11.55 -41.08 39.61
CA LYS C 55 11.15 -41.03 40.98
C LYS C 55 12.27 -41.52 41.86
N PHE C 56 12.47 -40.82 42.99
CA PHE C 56 13.59 -41.14 43.87
C PHE C 56 13.21 -41.91 45.13
N ASP C 57 14.21 -42.51 45.77
CA ASP C 57 13.98 -43.29 46.99
C ASP C 57 13.42 -42.51 48.17
N ASP C 58 13.35 -41.22 48.03
CA ASP C 58 12.87 -40.44 49.18
C ASP C 58 11.48 -39.98 48.80
N PHE C 59 10.92 -40.58 47.77
CA PHE C 59 9.53 -40.30 47.36
C PHE C 59 9.35 -38.99 46.64
N GLN C 60 10.45 -38.34 46.32
CA GLN C 60 10.35 -37.16 45.51
C GLN C 60 10.53 -37.62 44.06
N GLN C 61 10.21 -36.72 43.13
CA GLN C 61 10.31 -37.08 41.75
C GLN C 61 10.64 -35.85 40.98
N THR C 62 11.09 -36.08 39.76
CA THR C 62 11.33 -34.90 38.92
C THR C 62 10.82 -35.29 37.52
N THR C 63 10.19 -34.37 36.81
CA THR C 63 9.88 -34.62 35.43
C THR C 63 10.42 -33.42 34.66
N GLN C 64 11.07 -33.76 33.55
CA GLN C 64 11.81 -32.77 32.76
C GLN C 64 11.41 -33.07 31.31
N GLU C 65 10.84 -32.03 30.64
CA GLU C 65 10.11 -32.07 29.34
C GLU C 65 10.56 -30.75 28.65
N HIS C 66 10.48 -30.79 27.32
CA HIS C 66 10.74 -29.59 26.58
C HIS C 66 10.13 -29.83 25.22
N VAL C 67 10.07 -28.76 24.47
CA VAL C 67 9.64 -28.80 23.13
C VAL C 67 10.49 -29.71 22.27
N TRP C 68 9.84 -30.56 21.50
CA TRP C 68 10.49 -31.48 20.61
C TRP C 68 9.38 -31.99 19.72
N PRO C 69 9.63 -32.08 18.43
CA PRO C 69 8.53 -32.25 17.50
C PRO C 69 8.08 -33.68 17.29
N ARG C 70 8.86 -34.66 17.77
CA ARG C 70 8.40 -36.03 17.58
C ARG C 70 8.93 -36.82 18.73
N LEU C 71 8.29 -37.92 18.98
CA LEU C 71 8.84 -38.84 19.92
C LEU C 71 10.20 -39.27 19.43
N ASN C 72 11.19 -39.30 20.29
CA ASN C 72 12.52 -39.52 19.78
C ASN C 72 13.41 -40.04 20.88
N LYS C 73 13.99 -41.21 20.69
CA LYS C 73 14.68 -41.86 21.83
C LYS C 73 15.96 -41.11 22.13
N ALA C 74 16.71 -40.70 21.10
CA ALA C 74 18.00 -40.05 21.37
C ALA C 74 17.75 -38.81 22.24
N ASP C 75 16.78 -38.01 21.86
CA ASP C 75 16.51 -36.83 22.69
C ASP C 75 15.99 -37.17 24.12
N LEU C 76 15.22 -38.25 24.25
CA LEU C 76 14.79 -38.63 25.56
C LEU C 76 16.00 -39.07 26.33
N ILE C 77 16.90 -39.80 25.70
CA ILE C 77 18.04 -40.26 26.46
C ILE C 77 18.88 -39.07 26.90
N ALA C 78 19.05 -38.14 25.98
CA ALA C 78 19.84 -36.97 26.33
C ALA C 78 19.18 -36.22 27.46
N THR C 79 17.86 -36.07 27.41
CA THR C 79 17.18 -35.45 28.54
C THR C 79 17.33 -36.23 29.84
N ALA C 80 17.09 -37.55 29.76
CA ALA C 80 17.25 -38.37 30.95
C ALA C 80 18.66 -38.19 31.57
N ARG C 81 19.65 -38.20 30.70
CA ARG C 81 21.02 -38.15 31.19
C ARG C 81 21.29 -36.87 31.97
N LYS C 82 20.84 -35.78 31.39
CA LYS C 82 20.89 -34.52 32.05
C LYS C 82 20.13 -34.50 33.40
N THR C 83 18.88 -34.96 33.37
CA THR C 83 18.12 -35.08 34.59
C THR C 83 18.82 -36.00 35.60
N TRP C 84 19.27 -37.15 35.16
CA TRP C 84 19.99 -38.04 36.04
C TRP C 84 21.15 -37.32 36.72
N ASP C 85 21.96 -36.59 35.95
CA ASP C 85 23.23 -36.08 36.48
C ASP C 85 22.94 -34.88 37.33
N GLU C 86 21.97 -34.09 36.93
CA GLU C 86 21.74 -32.86 37.63
C GLU C 86 20.85 -32.99 38.85
N ARG C 87 19.90 -33.91 38.77
CA ARG C 87 18.86 -33.96 39.79
C ARG C 87 18.95 -35.10 40.77
N ARG C 88 19.67 -36.19 40.45
CA ARG C 88 19.51 -37.41 41.26
C ARG C 88 20.08 -37.24 42.63
N GLY C 89 21.21 -36.52 42.71
CA GLY C 89 21.76 -36.12 43.99
C GLY C 89 22.14 -37.34 44.81
N GLY C 90 22.66 -38.36 44.15
CA GLY C 90 23.08 -39.56 44.85
C GLY C 90 21.96 -40.46 45.33
N ARG C 91 20.69 -40.07 45.16
CA ARG C 91 19.55 -40.96 45.56
C ARG C 91 19.30 -42.13 44.62
N GLY C 92 18.68 -43.19 45.17
CA GLY C 92 18.22 -44.33 44.38
C GLY C 92 17.07 -43.88 43.52
N VAL C 93 16.92 -44.49 42.35
CA VAL C 93 15.82 -44.18 41.48
C VAL C 93 14.93 -45.38 41.45
N ARG C 94 13.66 -45.13 41.72
CA ARG C 94 12.68 -46.20 41.84
C ARG C 94 11.71 -46.32 40.70
N LEU C 95 11.70 -45.35 39.82
CA LEU C 95 10.81 -45.48 38.70
C LEU C 95 11.42 -44.62 37.63
N VAL C 96 11.27 -45.05 36.41
CA VAL C 96 11.67 -44.20 35.25
C VAL C 96 10.46 -44.17 34.37
N GLY C 97 10.19 -42.98 33.87
CA GLY C 97 9.00 -42.70 33.08
C GLY C 97 9.46 -41.96 31.84
N LEU C 98 8.86 -42.28 30.69
CA LEU C 98 9.03 -41.41 29.54
C LEU C 98 7.65 -40.91 29.14
N HIS C 99 7.55 -39.70 28.60
CA HIS C 99 6.26 -39.29 28.22
C HIS C 99 6.36 -38.18 27.20
N VAL C 100 5.21 -37.98 26.53
CA VAL C 100 5.07 -36.94 25.53
C VAL C 100 3.81 -36.18 25.89
N THR C 101 3.76 -34.95 25.41
CA THR C 101 2.54 -34.24 25.40
C THR C 101 2.27 -33.92 23.98
N LEU C 102 1.05 -34.23 23.60
CA LEU C 102 0.57 -34.04 22.27
C LEU C 102 0.28 -32.59 22.02
N LEU C 103 0.37 -32.19 20.77
CA LEU C 103 0.04 -30.80 20.41
C LEU C 103 -1.45 -30.64 20.79
N ASP C 104 -1.74 -29.50 21.32
CA ASP C 104 -3.04 -29.16 21.85
C ASP C 104 -3.98 -29.01 20.70
N PRO C 105 -5.26 -29.25 20.93
CA PRO C 105 -6.27 -29.02 19.90
C PRO C 105 -6.36 -27.54 19.57
N GLN C 106 -6.85 -27.19 18.41
CA GLN C 106 -6.95 -25.77 18.07
C GLN C 106 -7.98 -25.04 18.93
N MET C 107 -7.67 -23.83 19.31
CA MET C 107 -8.53 -22.97 19.98
C MET C 107 -9.37 -22.20 18.97
N GLU C 108 -10.69 -22.36 19.05
CA GLU C 108 -11.53 -21.65 18.08
C GLU C 108 -12.60 -20.83 18.69
N ARG C 109 -12.75 -20.93 20.00
CA ARG C 109 -13.89 -20.32 20.69
C ARG C 109 -13.43 -18.99 21.36
N GLN C 110 -13.84 -17.86 20.84
CA GLN C 110 -13.47 -16.60 21.48
C GLN C 110 -14.64 -16.22 22.36
N LEU C 111 -14.42 -15.97 23.67
CA LEU C 111 -15.52 -15.58 24.52
C LEU C 111 -15.85 -14.14 24.32
N VAL C 112 -17.02 -13.70 24.86
CA VAL C 112 -17.33 -12.30 24.78
C VAL C 112 -17.39 -11.68 26.13
N LEU C 113 -17.42 -10.34 26.17
CA LEU C 113 -17.47 -9.53 27.41
C LEU C 113 -18.83 -9.54 27.97
N GLY C 114 -19.83 -9.86 27.15
CA GLY C 114 -21.21 -9.93 27.67
C GLY C 114 -21.74 -8.52 27.91
N LEU C 115 -21.52 -7.66 26.91
CA LEU C 115 -21.92 -6.29 27.00
C LEU C 115 -23.39 -6.22 27.10
N HIS D 4 -13.16 17.56 -35.71
CA HIS D 4 -13.77 18.61 -34.79
C HIS D 4 -15.01 19.20 -35.38
N HIS D 5 -15.91 19.53 -34.46
CA HIS D 5 -17.20 20.01 -34.84
C HIS D 5 -17.41 21.44 -34.31
N HIS D 6 -17.76 22.30 -35.26
CA HIS D 6 -17.87 23.73 -35.04
C HIS D 6 -19.32 24.09 -35.27
N VAL D 7 -19.76 25.13 -34.61
CA VAL D 7 -21.10 25.65 -34.92
C VAL D 7 -20.82 27.15 -34.92
N GLY D 8 -21.29 27.85 -35.92
CA GLY D 8 -20.98 29.28 -35.88
C GLY D 8 -22.01 30.04 -36.64
N VAL D 9 -22.03 31.37 -36.51
CA VAL D 9 -22.94 32.21 -37.29
C VAL D 9 -22.07 33.44 -37.62
N GLU D 10 -22.42 34.16 -38.72
CA GLU D 10 -21.66 35.36 -39.10
C GLU D 10 -22.61 36.27 -39.87
N ARG D 11 -22.29 37.55 -39.91
CA ARG D 11 -23.07 38.54 -40.64
C ARG D 11 -22.06 39.26 -41.48
N THR D 12 -22.32 39.39 -42.79
CA THR D 12 -21.50 40.27 -43.61
C THR D 12 -22.32 41.54 -43.62
N MET D 13 -21.78 42.62 -43.11
CA MET D 13 -22.59 43.82 -43.06
C MET D 13 -22.79 44.51 -44.38
N ALA D 14 -23.95 45.20 -44.46
CA ALA D 14 -24.31 45.95 -45.65
C ALA D 14 -23.17 46.87 -45.91
N GLU D 15 -22.74 47.59 -44.88
CA GLU D 15 -21.57 48.48 -44.96
C GLU D 15 -20.51 48.22 -43.86
N ASP D 16 -19.23 48.49 -44.16
CA ASP D 16 -18.18 48.13 -43.17
C ASP D 16 -18.42 48.89 -41.92
N ILE D 17 -18.13 48.30 -40.78
CA ILE D 17 -18.25 49.10 -39.60
C ILE D 17 -16.87 49.54 -39.08
N HIS D 18 -16.89 50.59 -38.28
CA HIS D 18 -15.69 51.24 -37.84
C HIS D 18 -15.77 51.52 -36.37
N HIS D 19 -16.87 51.15 -35.71
CA HIS D 19 -16.99 51.52 -34.31
C HIS D 19 -17.34 50.33 -33.47
N TRP D 20 -16.73 50.24 -32.28
CA TRP D 20 -17.02 49.12 -31.39
C TRP D 20 -18.52 48.92 -31.10
N SER D 21 -19.28 50.02 -30.93
CA SER D 21 -20.67 49.90 -30.60
C SER D 21 -21.43 49.16 -31.68
N GLU D 22 -21.04 49.35 -32.94
CA GLU D 22 -21.65 48.66 -34.07
C GLU D 22 -21.34 47.20 -33.98
N CYS D 23 -20.11 46.89 -33.59
CA CYS D 23 -19.71 45.52 -33.55
C CYS D 23 -20.49 44.83 -32.41
N GLU D 24 -20.56 45.49 -31.25
CA GLU D 24 -21.30 44.88 -30.10
C GLU D 24 -22.75 44.65 -30.52
N ALA D 25 -23.31 45.59 -31.30
CA ALA D 25 -24.69 45.50 -31.73
C ALA D 25 -24.92 44.35 -32.67
N ILE D 26 -24.01 44.12 -33.58
CA ILE D 26 -24.07 42.91 -34.39
C ILE D 26 -23.90 41.64 -33.56
N ILE D 27 -23.02 41.69 -32.57
CA ILE D 27 -22.85 40.51 -31.72
C ILE D 27 -24.16 40.19 -30.98
N GLU D 28 -24.81 41.24 -30.48
CA GLU D 28 -26.08 41.03 -29.88
C GLU D 28 -27.10 40.34 -30.77
N ARG D 29 -27.11 40.61 -32.09
CA ARG D 29 -28.10 39.97 -33.00
C ARG D 29 -27.63 38.57 -33.38
N LEU D 30 -26.32 38.36 -33.47
CA LEU D 30 -25.85 37.00 -33.77
C LEU D 30 -25.94 36.00 -32.65
N TYR D 31 -25.74 36.45 -31.41
CA TYR D 31 -25.71 35.53 -30.30
C TYR D 31 -26.95 34.57 -30.25
N PRO D 32 -28.18 35.10 -30.25
CA PRO D 32 -29.37 34.22 -30.13
C PRO D 32 -29.42 33.28 -31.33
N GLU D 33 -28.93 33.70 -32.49
CA GLU D 33 -28.88 32.81 -33.65
C GLU D 33 -27.89 31.74 -33.43
N LEU D 34 -26.73 32.07 -32.85
CA LEU D 34 -25.83 30.94 -32.51
C LEU D 34 -26.43 30.06 -31.39
N GLU D 35 -27.09 30.67 -30.47
CA GLU D 35 -27.59 29.81 -29.43
C GLU D 35 -28.59 28.80 -30.01
N ARG D 36 -29.47 29.31 -30.90
CA ARG D 36 -30.52 28.50 -31.52
C ARG D 36 -29.90 27.42 -32.31
N ARG D 37 -28.90 27.74 -33.15
CA ARG D 37 -28.14 26.72 -33.85
C ARG D 37 -27.44 25.71 -32.98
N LEU D 38 -26.76 26.19 -31.93
CA LEU D 38 -26.05 25.23 -31.13
C LEU D 38 -27.05 24.32 -30.31
N ALA D 39 -28.11 24.95 -29.80
CA ALA D 39 -29.16 24.19 -29.04
C ALA D 39 -29.72 23.06 -29.84
N LYS D 40 -29.75 23.23 -31.18
CA LYS D 40 -30.21 22.17 -32.10
C LYS D 40 -29.41 20.97 -31.93
N VAL D 41 -28.11 21.16 -31.74
CA VAL D 41 -27.26 20.03 -31.65
C VAL D 41 -26.68 19.80 -30.28
N LYS D 42 -26.90 20.72 -29.34
CA LYS D 42 -26.22 20.47 -28.05
C LYS D 42 -27.06 21.29 -27.14
N PRO D 43 -28.17 20.75 -26.71
CA PRO D 43 -29.14 21.56 -25.93
C PRO D 43 -28.59 22.13 -24.63
N ASP D 44 -27.59 21.53 -23.99
CA ASP D 44 -27.01 22.10 -22.74
C ASP D 44 -26.01 23.24 -22.95
N LEU D 45 -25.72 23.49 -24.24
CA LEU D 45 -24.80 24.60 -24.70
C LEU D 45 -23.41 24.37 -24.19
N LEU D 46 -23.13 23.16 -23.71
CA LEU D 46 -21.73 22.86 -23.33
C LEU D 46 -20.79 22.65 -24.55
N ILE D 47 -19.65 23.35 -24.50
CA ILE D 47 -18.78 23.36 -25.69
C ILE D 47 -17.31 23.19 -25.23
N ALA D 48 -16.37 23.14 -26.20
CA ALA D 48 -14.96 23.12 -25.72
C ALA D 48 -14.44 24.56 -25.68
N ARG D 49 -14.75 25.32 -26.73
CA ARG D 49 -14.19 26.62 -26.92
C ARG D 49 -15.17 27.51 -27.60
N GLN D 50 -14.95 28.82 -27.53
CA GLN D 50 -15.72 29.76 -28.33
C GLN D 50 -14.83 30.94 -28.67
N GLY D 51 -15.28 31.66 -29.66
CA GLY D 51 -14.59 32.87 -29.98
C GLY D 51 -15.28 33.59 -31.14
N VAL D 52 -14.55 34.57 -31.62
CA VAL D 52 -15.13 35.52 -32.45
C VAL D 52 -14.32 35.59 -33.73
N LYS D 53 -14.96 35.97 -34.82
CA LYS D 53 -14.16 36.15 -36.02
C LYS D 53 -14.43 37.58 -36.44
N LEU D 54 -13.39 38.31 -36.80
CA LEU D 54 -13.65 39.62 -37.45
C LEU D 54 -12.98 39.54 -38.83
N LYS D 55 -13.67 39.92 -39.88
CA LYS D 55 -13.03 39.98 -41.17
C LYS D 55 -13.04 41.41 -41.59
N PHE D 56 -11.87 41.88 -41.99
CA PHE D 56 -11.66 43.30 -42.24
C PHE D 56 -11.91 43.64 -43.68
N ASP D 57 -11.85 44.95 -44.00
CA ASP D 57 -12.22 45.37 -45.34
C ASP D 57 -11.23 44.97 -46.38
N ASP D 58 -10.08 44.48 -45.92
CA ASP D 58 -9.07 43.96 -46.86
C ASP D 58 -9.20 42.43 -46.98
N PHE D 59 -10.29 41.87 -46.40
CA PHE D 59 -10.52 40.43 -46.41
C PHE D 59 -9.55 39.64 -45.57
N GLN D 60 -8.71 40.31 -44.78
CA GLN D 60 -7.93 39.64 -43.74
C GLN D 60 -8.85 39.38 -42.57
N GLN D 61 -8.59 38.39 -41.76
CA GLN D 61 -9.60 38.15 -40.70
C GLN D 61 -8.79 37.66 -39.59
N THR D 62 -9.41 37.71 -38.43
CA THR D 62 -8.81 37.09 -37.35
C THR D 62 -9.91 36.36 -36.61
N THR D 63 -9.55 35.20 -36.06
CA THR D 63 -10.51 34.44 -35.33
C THR D 63 -10.07 34.05 -33.93
N GLN D 64 -9.50 32.87 -33.93
CA GLN D 64 -9.24 32.10 -32.75
C GLN D 64 -10.48 31.74 -31.85
N GLU D 65 -10.30 30.67 -31.05
CA GLU D 65 -11.23 30.33 -29.99
C GLU D 65 -10.40 30.20 -28.68
N HIS D 66 -11.03 30.29 -27.47
CA HIS D 66 -10.30 29.89 -26.29
C HIS D 66 -11.25 28.97 -25.50
N VAL D 67 -10.64 28.22 -24.62
CA VAL D 67 -11.45 27.33 -23.73
C VAL D 67 -12.51 28.12 -23.05
N TRP D 68 -13.74 27.59 -23.06
CA TRP D 68 -14.79 28.21 -22.32
C TRP D 68 -15.86 27.09 -22.38
N PRO D 69 -16.48 26.84 -21.25
CA PRO D 69 -17.28 25.61 -21.11
C PRO D 69 -18.70 25.71 -21.68
N ARG D 70 -19.20 26.91 -21.99
CA ARG D 70 -20.60 27.01 -22.47
C ARG D 70 -20.67 28.02 -23.53
N LEU D 71 -19.98 29.07 -23.66
CA LEU D 71 -21.23 29.66 -24.89
C LEU D 71 -22.06 30.53 -24.16
N ASN D 72 -21.63 31.73 -24.35
CA ASN D 72 -21.85 32.70 -23.35
C ASN D 72 -21.59 33.97 -24.03
N LYS D 73 -22.61 34.81 -24.02
CA LYS D 73 -22.49 36.06 -24.67
C LYS D 73 -21.48 37.00 -24.02
N ALA D 74 -21.56 37.19 -22.67
CA ALA D 74 -20.63 38.08 -21.99
C ALA D 74 -19.16 37.79 -22.47
N ASP D 75 -18.78 36.52 -22.47
CA ASP D 75 -17.44 36.14 -22.76
C ASP D 75 -17.13 36.38 -24.23
N LEU D 76 -18.13 36.13 -25.02
CA LEU D 76 -17.94 36.40 -26.49
C LEU D 76 -17.71 37.91 -26.71
N ILE D 77 -18.54 38.73 -26.08
CA ILE D 77 -18.34 40.20 -26.19
C ILE D 77 -17.02 40.63 -25.67
N ALA D 78 -16.60 40.02 -24.57
CA ALA D 78 -15.24 40.36 -24.06
C ALA D 78 -14.18 40.01 -25.02
N THR D 79 -14.28 38.85 -25.58
CA THR D 79 -13.29 38.43 -26.59
C THR D 79 -13.34 39.38 -27.78
N ALA D 80 -14.55 39.70 -28.24
CA ALA D 80 -14.64 40.57 -29.41
C ALA D 80 -13.97 41.90 -29.13
N ARG D 81 -14.18 42.46 -27.93
CA ARG D 81 -13.75 43.82 -27.69
C ARG D 81 -12.24 43.82 -27.71
N LYS D 82 -11.64 42.76 -27.20
CA LYS D 82 -10.18 42.71 -27.21
C LYS D 82 -9.60 42.49 -28.62
N THR D 83 -10.24 41.62 -29.41
CA THR D 83 -9.85 41.37 -30.81
C THR D 83 -10.04 42.63 -31.60
N TRP D 84 -11.16 43.33 -31.39
CA TRP D 84 -11.48 44.62 -32.05
C TRP D 84 -10.36 45.62 -31.76
N ASP D 85 -10.01 45.71 -30.50
CA ASP D 85 -9.04 46.73 -30.05
C ASP D 85 -7.73 46.20 -30.44
N GLU D 86 -6.74 46.83 -30.86
CA GLU D 86 -5.82 45.39 -30.94
C GLU D 86 -5.64 44.67 -32.26
N ARG D 87 -6.67 44.14 -32.93
CA ARG D 87 -6.37 43.62 -34.28
C ARG D 87 -6.92 44.47 -35.40
N ARG D 88 -7.91 45.29 -35.11
CA ARG D 88 -8.63 45.93 -36.25
C ARG D 88 -7.69 46.83 -37.00
N GLY D 89 -6.84 47.52 -36.23
CA GLY D 89 -5.82 48.36 -36.87
C GLY D 89 -6.41 49.45 -37.77
N GLY D 90 -7.53 50.05 -37.33
CA GLY D 90 -8.18 51.16 -38.03
C GLY D 90 -8.89 50.77 -39.31
N ARG D 91 -9.01 49.47 -39.57
CA ARG D 91 -9.66 49.06 -40.78
C ARG D 91 -11.12 49.00 -40.60
N GLY D 92 -11.88 48.99 -41.70
CA GLY D 92 -13.29 48.65 -41.52
C GLY D 92 -13.48 47.17 -41.34
N VAL D 93 -14.62 46.80 -40.76
CA VAL D 93 -14.86 45.38 -40.50
C VAL D 93 -16.10 45.04 -41.36
N ARG D 94 -15.99 43.98 -42.18
CA ARG D 94 -16.94 43.62 -43.25
C ARG D 94 -17.83 42.50 -42.70
N LEU D 95 -17.29 41.76 -41.72
CA LEU D 95 -17.99 40.54 -41.25
C LEU D 95 -17.63 40.26 -39.80
N VAL D 96 -18.62 39.84 -39.00
CA VAL D 96 -18.37 39.48 -37.66
C VAL D 96 -18.94 38.05 -37.58
N GLY D 97 -18.27 37.21 -36.82
CA GLY D 97 -18.68 35.85 -36.75
C GLY D 97 -18.58 35.47 -35.25
N LEU D 98 -19.46 34.61 -34.78
CA LEU D 98 -19.30 34.01 -33.43
C LEU D 98 -19.26 32.53 -33.72
N HIS D 99 -18.45 31.77 -32.98
CA HIS D 99 -18.52 30.35 -33.16
C HIS D 99 -18.12 29.62 -31.92
N VAL D 100 -18.42 28.34 -31.91
CA VAL D 100 -17.95 27.45 -30.85
C VAL D 100 -17.33 26.24 -31.49
N THR D 101 -16.50 25.53 -30.72
CA THR D 101 -16.11 24.22 -31.11
C THR D 101 -16.59 23.27 -30.04
N LEU D 102 -17.16 22.19 -30.48
CA LEU D 102 -17.80 21.26 -29.52
C LEU D 102 -16.78 20.46 -28.87
N LEU D 103 -17.09 19.93 -27.71
CA LEU D 103 -16.19 18.97 -27.09
C LEU D 103 -16.00 17.77 -28.08
N ASP D 104 -14.78 17.30 -28.23
CA ASP D 104 -14.48 16.23 -29.14
C ASP D 104 -15.07 14.93 -28.68
N PRO D 105 -15.33 14.02 -29.64
CA PRO D 105 -15.86 12.70 -29.32
C PRO D 105 -14.79 12.00 -28.51
N GLN D 106 -15.14 11.02 -27.68
CA GLN D 106 -14.11 10.32 -26.88
C GLN D 106 -13.22 9.51 -27.77
N MET D 107 -11.93 9.43 -27.47
CA MET D 107 -10.95 8.65 -28.25
C MET D 107 -10.94 7.24 -27.62
N GLU D 108 -11.41 6.30 -28.42
CA GLU D 108 -11.43 4.97 -27.80
C GLU D 108 -10.60 3.95 -28.59
N ARG D 109 -10.02 4.33 -29.71
CA ARG D 109 -9.37 3.29 -30.53
C ARG D 109 -7.82 3.47 -30.39
N GLN D 110 -7.18 2.52 -29.75
CA GLN D 110 -5.76 2.58 -29.62
C GLN D 110 -5.17 1.77 -30.79
N LEU D 111 -4.33 2.35 -31.61
CA LEU D 111 -3.79 1.56 -32.72
C LEU D 111 -2.70 0.64 -32.19
N VAL D 112 -2.27 -0.31 -33.04
CA VAL D 112 -1.24 -1.26 -32.62
C VAL D 112 -0.05 -1.17 -33.51
N LEU D 113 1.08 -1.65 -33.01
CA LEU D 113 2.35 -1.36 -33.71
C LEU D 113 2.37 -2.32 -34.87
N GLY D 114 1.55 -3.37 -34.81
CA GLY D 114 1.50 -4.37 -35.87
C GLY D 114 2.75 -5.28 -35.84
N LEU D 115 3.00 -5.90 -34.69
CA LEU D 115 4.14 -6.77 -34.55
C LEU D 115 3.87 -8.07 -35.27
S SO4 E . 3.59 -53.00 25.25
O1 SO4 E . 2.13 -53.00 25.45
O2 SO4 E . 4.22 -53.01 26.58
O3 SO4 E . 4.00 -54.19 24.49
O4 SO4 E . 3.97 -51.80 24.49
S SO4 F . -32.52 32.22 -36.57
O1 SO4 F . -33.87 31.76 -36.27
O2 SO4 F . -31.57 31.74 -35.56
O3 SO4 F . -32.14 31.74 -37.90
O4 SO4 F . -32.46 33.70 -36.51
#